data_2XI7
#
_entry.id   2XI7
#
_cell.length_a   124.590
_cell.length_b   124.590
_cell.length_c   294.710
_cell.angle_alpha   90.00
_cell.angle_beta   90.00
_cell.angle_gamma   120.00
#
_symmetry.space_group_name_H-M   'P 61 2 2'
#
loop_
_entity.id
_entity.type
_entity.pdbx_description
1 polymer 'RNA POLYMERASE L'
2 non-polymer 'MANGANESE (II) ION'
3 non-polymer '2-4-DIOXO-4-PHENYLBUTANOIC ACID'
4 water water
#
_entity_poly.entity_id   1
_entity_poly.type   'polypeptide(L)'
_entity_poly.pdbx_seq_one_letter_code
;GMDYQEYQQFLARINTARDACVAKDIDVDLLMARHDYFGRELCKSLNIEYRNDVPFIDIILDIRPEVDPLTIDAPHITPD
NYLYINNVLYIIDYKVSVSNESSVITYDKYYELTRDISDRLSIPIEIVIIRIDPVSRDLHINSDRFKELYPTIVVDINFN
QFFDLKQLLYEKFGDDEEFLLKVA
;
_entity_poly.pdbx_strand_id   A,B,C,D
#
loop_
_chem_comp.id
_chem_comp.type
_chem_comp.name
_chem_comp.formula
MN non-polymer 'MANGANESE (II) ION' 'Mn 2'
XI7 non-polymer '2-4-DIOXO-4-PHENYLBUTANOIC ACID' 'C10 H8 O4'
#
# COMPACT_ATOMS: atom_id res chain seq x y z
N GLY A 1 47.28 -11.84 7.93
CA GLY A 1 46.16 -11.11 8.61
C GLY A 1 46.42 -9.62 8.64
N MET A 2 45.94 -8.95 9.70
CA MET A 2 46.27 -7.55 9.89
C MET A 2 47.75 -7.37 10.30
N ASP A 3 48.32 -6.22 9.96
CA ASP A 3 49.74 -6.06 10.18
C ASP A 3 50.03 -5.80 11.65
N TYR A 4 51.29 -5.95 12.00
CA TYR A 4 51.68 -5.96 13.38
C TYR A 4 51.28 -4.70 14.08
N GLN A 5 51.44 -3.58 13.39
CA GLN A 5 51.22 -2.30 14.00
C GLN A 5 49.72 -2.15 14.31
N GLU A 6 48.87 -2.67 13.42
CA GLU A 6 47.41 -2.59 13.67
C GLU A 6 47.07 -3.47 14.87
N TYR A 7 47.64 -4.69 14.91
CA TYR A 7 47.35 -5.60 15.99
C TYR A 7 47.77 -5.00 17.35
N GLN A 8 48.93 -4.37 17.34
CA GLN A 8 49.50 -3.79 18.55
CA GLN A 8 49.51 -3.78 18.55
C GLN A 8 48.71 -2.56 18.99
N GLN A 9 48.16 -1.81 18.04
CA GLN A 9 47.27 -0.68 18.41
C GLN A 9 46.05 -1.20 19.21
N PHE A 10 45.45 -2.28 18.73
CA PHE A 10 44.32 -2.85 19.45
C PHE A 10 44.75 -3.40 20.81
N LEU A 11 45.92 -4.05 20.85
CA LEU A 11 46.41 -4.61 22.11
C LEU A 11 46.58 -3.50 23.11
N ALA A 12 47.17 -2.40 22.67
CA ALA A 12 47.44 -1.22 23.55
C ALA A 12 46.11 -0.67 24.08
N ARG A 13 45.15 -0.47 23.16
CA ARG A 13 43.83 0.10 23.58
C ARG A 13 43.15 -0.80 24.54
N ILE A 14 43.15 -2.11 24.27
CA ILE A 14 42.51 -3.05 25.19
C ILE A 14 43.15 -3.03 26.58
N ASN A 15 44.49 -2.98 26.62
N ASN A 15 44.47 -2.95 26.65
CA ASN A 15 45.31 -2.95 27.86
CA ASN A 15 45.10 -3.03 27.95
C ASN A 15 45.00 -1.69 28.66
C ASN A 15 45.13 -1.68 28.68
N THR A 16 44.94 -0.55 27.99
CA THR A 16 44.66 0.74 28.74
C THR A 16 43.19 0.99 29.10
N ALA A 17 42.25 0.35 28.41
CA ALA A 17 40.82 0.59 28.64
C ALA A 17 40.43 0.25 30.04
N ARG A 18 39.67 1.12 30.68
CA ARG A 18 39.09 0.86 31.98
C ARG A 18 37.60 1.07 32.03
N ASP A 19 37.01 1.51 30.93
CA ASP A 19 35.62 1.90 30.90
C ASP A 19 34.85 1.23 29.77
N ALA A 20 33.61 0.86 30.08
CA ALA A 20 32.69 0.17 29.17
C ALA A 20 32.61 0.89 27.85
N CYS A 21 32.54 2.21 27.85
CA CYS A 21 32.28 2.92 26.60
C CYS A 21 33.51 2.87 25.71
N VAL A 22 34.68 2.91 26.31
CA VAL A 22 35.91 2.72 25.55
C VAL A 22 36.01 1.29 24.98
N ALA A 23 35.75 0.30 25.81
CA ALA A 23 35.78 -1.09 25.41
C ALA A 23 34.83 -1.37 24.26
N LYS A 24 33.62 -0.81 24.32
CA LYS A 24 32.70 -0.98 23.19
C LYS A 24 33.19 -0.37 21.89
N ASP A 25 33.78 0.80 21.92
CA ASP A 25 34.35 1.35 20.70
C ASP A 25 35.46 0.45 20.12
N ILE A 26 36.22 -0.20 21.00
CA ILE A 26 37.23 -1.17 20.52
C ILE A 26 36.55 -2.35 19.83
N ASP A 27 35.53 -2.95 20.48
CA ASP A 27 34.67 -4.04 19.94
C ASP A 27 34.25 -3.64 18.53
N VAL A 28 33.67 -2.46 18.41
CA VAL A 28 33.21 -1.97 17.11
C VAL A 28 34.35 -1.72 16.12
N ASP A 29 35.46 -1.11 16.57
CA ASP A 29 36.58 -0.93 15.63
C ASP A 29 37.16 -2.27 15.12
N LEU A 30 37.18 -3.28 15.96
CA LEU A 30 37.67 -4.63 15.57
C LEU A 30 36.82 -5.25 14.46
N LEU A 31 35.49 -5.14 14.60
CA LEU A 31 34.58 -5.61 13.56
C LEU A 31 34.77 -4.85 12.29
N MET A 32 35.00 -3.55 12.36
CA MET A 32 35.27 -2.73 11.17
CA MET A 32 35.22 -2.84 11.09
C MET A 32 36.58 -3.18 10.49
N ALA A 33 37.62 -3.38 11.31
CA ALA A 33 38.94 -3.76 10.75
C ALA A 33 38.85 -5.18 10.09
N ARG A 34 38.08 -6.07 10.69
CA ARG A 34 37.83 -7.39 10.14
C ARG A 34 37.18 -7.32 8.77
N HIS A 35 36.17 -6.44 8.67
CA HIS A 35 35.45 -6.20 7.42
C HIS A 35 36.39 -5.67 6.37
N ASP A 36 37.16 -4.65 6.72
CA ASP A 36 38.07 -4.06 5.73
C ASP A 36 39.21 -5.05 5.30
N TYR A 37 39.69 -5.83 6.25
CA TYR A 37 40.66 -6.87 5.96
C TYR A 37 40.09 -7.85 4.90
N PHE A 38 38.89 -8.36 5.14
CA PHE A 38 38.22 -9.19 4.14
C PHE A 38 38.09 -8.49 2.81
N GLY A 39 37.68 -7.23 2.84
CA GLY A 39 37.53 -6.49 1.61
C GLY A 39 38.80 -6.43 0.79
N ARG A 40 39.92 -6.11 1.45
CA ARG A 40 41.22 -6.05 0.76
C ARG A 40 41.56 -7.41 0.13
N GLU A 41 41.43 -8.47 0.91
CA GLU A 41 41.79 -9.80 0.39
C GLU A 41 40.83 -10.26 -0.69
N LEU A 42 39.54 -9.98 -0.53
CA LEU A 42 38.55 -10.35 -1.53
C LEU A 42 38.91 -9.67 -2.84
N CYS A 43 39.26 -8.41 -2.78
CA CYS A 43 39.55 -7.68 -4.01
C CYS A 43 40.81 -8.19 -4.74
N LYS A 44 41.83 -8.58 -3.98
CA LYS A 44 43.00 -9.23 -4.59
C LYS A 44 42.52 -10.49 -5.33
N SER A 45 41.73 -11.33 -4.67
CA SER A 45 41.21 -12.52 -5.33
C SER A 45 40.43 -12.23 -6.60
N LEU A 46 39.61 -11.18 -6.61
CA LEU A 46 38.80 -10.88 -7.80
C LEU A 46 39.58 -10.10 -8.84
N ASN A 47 40.79 -9.72 -8.52
CA ASN A 47 41.56 -8.82 -9.36
C ASN A 47 40.79 -7.56 -9.75
N ILE A 48 40.16 -6.94 -8.74
CA ILE A 48 39.60 -5.61 -8.92
C ILE A 48 40.25 -4.65 -7.96
N GLU A 49 40.21 -3.37 -8.33
CA GLU A 49 40.74 -2.33 -7.51
C GLU A 49 39.99 -2.32 -6.16
N TYR A 50 40.74 -2.21 -5.07
CA TYR A 50 40.14 -2.12 -3.75
C TYR A 50 39.54 -0.74 -3.54
N ARG A 51 38.31 -0.71 -3.05
CA ARG A 51 37.64 0.52 -2.67
C ARG A 51 36.82 0.26 -1.43
N ASN A 52 36.49 1.33 -0.73
CA ASN A 52 35.60 1.30 0.40
C ASN A 52 34.62 2.48 0.31
N ASP A 53 33.35 2.20 0.47
CA ASP A 53 32.36 3.22 0.56
C ASP A 53 32.55 4.26 -0.54
N VAL A 54 32.10 3.91 -1.75
CA VAL A 54 32.13 4.80 -2.87
C VAL A 54 30.78 5.41 -3.06
N PRO A 55 30.70 6.74 -3.10
CA PRO A 55 29.43 7.44 -3.31
C PRO A 55 28.82 7.00 -4.64
N PHE A 56 27.52 6.74 -4.67
CA PHE A 56 26.87 6.23 -5.88
C PHE A 56 27.09 7.15 -7.06
N ILE A 57 26.98 8.45 -6.81
CA ILE A 57 27.17 9.42 -7.85
C ILE A 57 28.55 9.34 -8.51
N ASP A 58 29.58 8.98 -7.75
CA ASP A 58 30.91 8.77 -8.37
C ASP A 58 30.91 7.51 -9.24
N ILE A 59 30.13 6.50 -8.86
CA ILE A 59 30.06 5.30 -9.66
C ILE A 59 29.46 5.67 -11.03
N ILE A 60 28.41 6.48 -11.01
CA ILE A 60 27.72 6.84 -12.24
C ILE A 60 28.61 7.68 -13.11
N LEU A 61 29.39 8.55 -12.49
CA LEU A 61 30.28 9.40 -13.26
C LEU A 61 31.46 8.63 -13.87
N ASP A 62 31.86 7.54 -13.22
CA ASP A 62 32.90 6.70 -13.78
C ASP A 62 32.38 5.94 -14.99
N ILE A 63 31.17 5.42 -14.94
CA ILE A 63 30.64 4.60 -16.03
C ILE A 63 29.91 5.37 -17.14
N ARG A 64 29.45 6.58 -16.81
CA ARG A 64 28.76 7.45 -17.75
CA ARG A 64 28.78 7.44 -17.76
C ARG A 64 29.27 8.87 -17.49
N PRO A 65 30.48 9.18 -17.99
CA PRO A 65 31.15 10.45 -17.68
C PRO A 65 30.48 11.68 -18.22
N GLU A 66 29.50 11.51 -19.11
CA GLU A 66 28.76 12.64 -19.66
C GLU A 66 27.55 13.10 -18.83
N VAL A 67 27.16 12.32 -17.82
CA VAL A 67 26.07 12.66 -16.94
C VAL A 67 26.45 13.94 -16.18
N ASP A 68 25.49 14.80 -15.92
CA ASP A 68 25.74 15.93 -15.09
C ASP A 68 25.35 15.61 -13.64
N PRO A 69 26.35 15.55 -12.74
CA PRO A 69 26.13 15.18 -11.35
C PRO A 69 25.27 16.13 -10.55
N LEU A 70 25.09 17.34 -11.04
CA LEU A 70 24.26 18.31 -10.37
C LEU A 70 22.79 18.04 -10.65
N THR A 71 22.49 17.42 -11.80
CA THR A 71 21.07 17.26 -12.24
C THR A 71 20.54 15.85 -12.14
N ILE A 72 21.40 14.82 -12.13
CA ILE A 72 20.88 13.46 -12.20
C ILE A 72 20.03 13.10 -10.98
N ASP A 73 18.92 12.39 -11.20
CA ASP A 73 18.10 11.85 -10.10
C ASP A 73 18.67 10.47 -9.74
N ALA A 74 19.36 10.36 -8.62
CA ALA A 74 20.15 9.20 -8.30
C ALA A 74 20.18 9.01 -6.81
N PRO A 75 20.36 7.77 -6.35
CA PRO A 75 20.20 7.51 -4.95
C PRO A 75 21.46 7.85 -4.17
N HIS A 76 21.31 8.12 -2.88
CA HIS A 76 22.42 8.42 -2.02
C HIS A 76 22.78 7.16 -1.23
N ILE A 77 23.61 6.30 -1.81
CA ILE A 77 24.13 5.12 -1.11
C ILE A 77 25.60 5.09 -1.34
N THR A 78 26.31 4.39 -0.46
CA THR A 78 27.77 4.30 -0.53
C THR A 78 28.20 2.86 -0.33
N PRO A 79 28.02 2.03 -1.39
CA PRO A 79 28.46 0.64 -1.36
C PRO A 79 29.98 0.48 -1.28
N ASP A 80 30.42 -0.68 -0.84
CA ASP A 80 31.84 -0.91 -0.66
C ASP A 80 32.62 -0.81 -1.95
N ASN A 81 32.06 -1.32 -3.05
CA ASN A 81 32.79 -1.35 -4.31
C ASN A 81 31.79 -1.58 -5.46
N TYR A 82 32.32 -1.72 -6.66
CA TYR A 82 31.50 -1.98 -7.83
C TYR A 82 32.36 -2.49 -8.98
N LEU A 83 31.68 -3.05 -9.98
CA LEU A 83 32.28 -3.55 -11.21
C LEU A 83 31.28 -3.29 -12.35
N TYR A 84 31.77 -2.65 -13.39
CA TYR A 84 31.03 -2.39 -14.59
C TYR A 84 31.70 -3.20 -15.73
N ILE A 85 31.07 -4.29 -16.16
CA ILE A 85 31.57 -5.11 -17.29
C ILE A 85 30.40 -5.58 -18.16
N ASN A 86 30.64 -5.55 -19.47
CA ASN A 86 29.65 -5.98 -20.45
C ASN A 86 28.33 -5.25 -20.24
N ASN A 87 28.45 -3.94 -20.03
CA ASN A 87 27.32 -3.08 -19.70
C ASN A 87 26.39 -3.59 -18.60
N VAL A 88 26.96 -4.20 -17.57
CA VAL A 88 26.20 -4.52 -16.36
C VAL A 88 26.95 -3.85 -15.21
N LEU A 89 26.20 -3.18 -14.33
CA LEU A 89 26.76 -2.58 -13.12
C LEU A 89 26.50 -3.49 -11.95
N TYR A 90 27.57 -4.06 -11.40
CA TYR A 90 27.52 -4.83 -10.17
C TYR A 90 27.89 -3.93 -9.00
N ILE A 91 27.00 -3.83 -8.03
CA ILE A 91 27.23 -3.05 -6.85
C ILE A 91 27.58 -4.04 -5.76
N ILE A 92 28.77 -3.91 -5.20
CA ILE A 92 29.32 -4.90 -4.27
C ILE A 92 29.37 -4.37 -2.84
N ASP A 93 28.94 -5.19 -1.90
CA ASP A 93 29.18 -4.90 -0.52
C ASP A 93 29.79 -6.10 0.16
N TYR A 94 30.81 -5.83 0.97
CA TYR A 94 31.49 -6.88 1.71
C TYR A 94 30.78 -7.06 3.03
N LYS A 95 30.73 -8.30 3.53
CA LYS A 95 30.20 -8.62 4.82
C LYS A 95 31.03 -9.73 5.44
N VAL A 96 31.23 -9.64 6.75
CA VAL A 96 31.80 -10.73 7.53
C VAL A 96 30.81 -11.00 8.66
N SER A 97 30.21 -12.20 8.65
CA SER A 97 29.13 -12.53 9.61
C SER A 97 28.75 -14.01 9.50
N VAL A 98 28.39 -14.58 10.64
CA VAL A 98 27.94 -15.97 10.69
C VAL A 98 26.47 -16.02 10.28
N SER A 99 25.87 -14.85 10.06
CA SER A 99 24.44 -14.74 9.73
C SER A 99 24.22 -13.90 8.49
N ASN A 100 23.09 -14.13 7.81
CA ASN A 100 22.71 -13.31 6.69
C ASN A 100 21.89 -12.03 7.02
N GLU A 101 21.64 -11.74 8.29
CA GLU A 101 20.77 -10.60 8.62
C GLU A 101 21.24 -9.28 8.05
N SER A 102 22.52 -8.97 8.28
CA SER A 102 23.05 -7.71 7.83
C SER A 102 23.04 -7.68 6.30
N SER A 103 23.20 -8.82 5.65
CA SER A 103 23.20 -8.87 4.19
C SER A 103 21.84 -8.54 3.59
N VAL A 104 20.79 -9.01 4.25
CA VAL A 104 19.44 -8.85 3.77
C VAL A 104 19.07 -7.39 3.91
N ILE A 105 19.49 -6.77 5.00
CA ILE A 105 19.21 -5.35 5.17
C ILE A 105 19.90 -4.52 4.08
N THR A 106 21.18 -4.76 3.87
CA THR A 106 21.90 -4.02 2.85
C THR A 106 21.32 -4.37 1.49
N TYR A 107 21.02 -5.63 1.25
CA TYR A 107 20.51 -6.01 -0.08
C TYR A 107 19.20 -5.30 -0.43
N ASP A 108 18.27 -5.31 0.51
CA ASP A 108 16.93 -4.79 0.27
C ASP A 108 17.05 -3.27 0.02
N LYS A 109 17.87 -2.61 0.84
CA LYS A 109 18.01 -1.17 0.72
C LYS A 109 18.59 -0.84 -0.67
N TYR A 110 19.71 -1.48 -1.02
CA TYR A 110 20.38 -1.17 -2.29
C TYR A 110 19.56 -1.57 -3.50
N TYR A 111 18.94 -2.74 -3.45
CA TYR A 111 18.07 -3.18 -4.55
C TYR A 111 16.94 -2.14 -4.76
N GLU A 112 16.23 -1.85 -3.71
CA GLU A 112 15.09 -0.94 -3.79
C GLU A 112 15.53 0.44 -4.29
N LEU A 113 16.63 0.96 -3.75
CA LEU A 113 17.07 2.31 -4.10
C LEU A 113 17.71 2.40 -5.45
N THR A 114 18.02 1.28 -6.11
CA THR A 114 18.67 1.37 -7.43
C THR A 114 17.78 1.02 -8.66
N ARG A 115 16.54 0.61 -8.42
CA ARG A 115 15.62 0.24 -9.53
C ARG A 115 15.39 1.39 -10.52
N ASP A 116 15.09 2.55 -9.95
CA ASP A 116 14.74 3.73 -10.78
C ASP A 116 15.93 4.18 -11.60
N ILE A 117 17.09 4.28 -10.96
CA ILE A 117 18.26 4.71 -11.67
C ILE A 117 18.69 3.69 -12.70
N SER A 118 18.49 2.41 -12.41
CA SER A 118 18.72 1.38 -13.44
C SER A 118 17.86 1.67 -14.66
N ASP A 119 16.59 1.96 -14.44
CA ASP A 119 15.68 2.27 -15.58
C ASP A 119 16.08 3.54 -16.29
N ARG A 120 16.43 4.59 -15.53
CA ARG A 120 16.84 5.87 -16.12
C ARG A 120 18.07 5.76 -17.03
N LEU A 121 19.07 5.00 -16.59
CA LEU A 121 20.29 4.82 -17.34
C LEU A 121 20.22 3.72 -18.43
N SER A 122 19.21 2.86 -18.36
CA SER A 122 19.14 1.58 -19.12
C SER A 122 20.39 0.77 -18.90
N ILE A 123 20.74 0.55 -17.64
CA ILE A 123 21.86 -0.31 -17.30
C ILE A 123 21.36 -1.19 -16.20
N PRO A 124 21.35 -2.50 -16.42
CA PRO A 124 21.00 -3.37 -15.35
C PRO A 124 21.98 -3.22 -14.19
N ILE A 125 21.41 -3.20 -12.99
CA ILE A 125 22.15 -3.00 -11.78
C ILE A 125 21.92 -4.20 -10.87
N GLU A 126 22.99 -4.94 -10.69
CA GLU A 126 22.98 -6.19 -9.97
C GLU A 126 23.55 -5.95 -8.56
N ILE A 127 22.82 -6.31 -7.52
CA ILE A 127 23.31 -6.11 -6.19
C ILE A 127 24.02 -7.38 -5.67
N VAL A 128 25.32 -7.27 -5.36
CA VAL A 128 26.14 -8.39 -4.98
C VAL A 128 26.66 -8.28 -3.55
N ILE A 129 26.05 -9.05 -2.65
CA ILE A 129 26.51 -9.09 -1.29
C ILE A 129 27.45 -10.28 -1.15
N ILE A 130 28.74 -9.98 -0.91
CA ILE A 130 29.75 -11.00 -0.74
C ILE A 130 30.07 -11.15 0.72
N ARG A 131 29.54 -12.21 1.30
CA ARG A 131 29.72 -12.45 2.69
C ARG A 131 30.65 -13.63 2.95
N ILE A 132 31.55 -13.48 3.92
CA ILE A 132 32.32 -14.62 4.40
C ILE A 132 31.92 -14.92 5.85
N ASP A 133 31.68 -16.20 6.13
CA ASP A 133 31.35 -16.68 7.46
C ASP A 133 32.71 -16.84 8.10
N PRO A 134 32.97 -16.16 9.22
CA PRO A 134 34.34 -16.12 9.72
C PRO A 134 34.72 -17.37 10.52
N VAL A 135 33.74 -18.16 10.92
CA VAL A 135 34.01 -19.46 11.55
C VAL A 135 34.40 -20.50 10.52
N SER A 136 33.49 -20.80 9.61
CA SER A 136 33.68 -21.79 8.57
C SER A 136 34.61 -21.29 7.50
N ARG A 137 34.64 -19.97 7.28
CA ARG A 137 35.36 -19.35 6.15
C ARG A 137 34.81 -19.67 4.73
N ASP A 138 33.61 -20.21 4.63
CA ASP A 138 32.94 -20.28 3.33
C ASP A 138 32.45 -18.91 2.89
N LEU A 139 32.56 -18.69 1.60
CA LEU A 139 32.07 -17.54 0.93
C LEU A 139 30.64 -17.76 0.44
N HIS A 140 29.76 -16.81 0.72
CA HIS A 140 28.38 -16.85 0.24
C HIS A 140 28.08 -15.59 -0.59
N ILE A 141 27.66 -15.79 -1.84
CA ILE A 141 27.40 -14.73 -2.77
C ILE A 141 26.01 -14.94 -3.37
N ASN A 142 25.11 -13.98 -3.15
CA ASN A 142 23.74 -14.08 -3.63
C ASN A 142 23.62 -14.10 -5.14
N SER A 143 24.47 -13.36 -5.84
CA SER A 143 24.27 -13.09 -7.27
C SER A 143 24.78 -14.20 -8.19
N ASP A 144 23.85 -14.92 -8.84
CA ASP A 144 24.16 -15.93 -9.85
C ASP A 144 24.87 -15.28 -11.00
N ARG A 145 24.40 -14.11 -11.44
CA ARG A 145 25.07 -13.43 -12.57
C ARG A 145 26.53 -13.15 -12.21
N PHE A 146 26.78 -12.71 -10.99
CA PHE A 146 28.13 -12.38 -10.60
C PHE A 146 28.97 -13.66 -10.58
N LYS A 147 28.40 -14.73 -10.02
CA LYS A 147 29.12 -16.00 -9.94
C LYS A 147 29.44 -16.62 -11.31
N GLU A 148 28.65 -16.31 -12.34
CA GLU A 148 28.98 -16.75 -13.71
C GLU A 148 30.22 -16.05 -14.19
N LEU A 149 30.44 -14.81 -13.76
CA LEU A 149 31.68 -14.10 -14.05
C LEU A 149 32.87 -14.65 -13.27
N TYR A 150 32.62 -14.97 -12.00
CA TYR A 150 33.65 -15.44 -11.09
C TYR A 150 33.25 -16.78 -10.45
N PRO A 151 33.29 -17.85 -11.24
CA PRO A 151 32.84 -19.13 -10.69
C PRO A 151 33.82 -19.79 -9.69
N THR A 152 35.06 -19.31 -9.65
CA THR A 152 36.06 -19.94 -8.80
C THR A 152 36.73 -18.91 -7.92
N ILE A 153 36.07 -18.54 -6.83
CA ILE A 153 36.63 -17.51 -5.95
C ILE A 153 37.24 -18.14 -4.72
N VAL A 154 38.52 -17.93 -4.53
CA VAL A 154 39.20 -18.44 -3.37
C VAL A 154 39.84 -17.28 -2.61
N VAL A 155 39.46 -17.13 -1.35
CA VAL A 155 40.04 -16.12 -0.47
C VAL A 155 40.61 -16.85 0.73
N ASP A 156 41.92 -17.05 0.78
CA ASP A 156 42.49 -18.03 1.76
C ASP A 156 42.99 -17.24 2.97
N ILE A 157 42.08 -16.89 3.88
CA ILE A 157 42.45 -16.03 4.99
CA ILE A 157 42.39 -15.99 4.98
C ILE A 157 41.92 -16.50 6.31
N ASN A 158 42.32 -15.82 7.36
CA ASN A 158 41.69 -16.08 8.64
C ASN A 158 41.65 -14.91 9.62
N PHE A 159 40.73 -15.10 10.54
CA PHE A 159 40.30 -14.09 11.44
C PHE A 159 40.75 -14.34 12.87
N ASN A 160 41.78 -15.18 13.04
CA ASN A 160 42.18 -15.59 14.38
C ASN A 160 42.60 -14.41 15.26
N GLN A 161 43.32 -13.43 14.69
CA GLN A 161 43.73 -12.22 15.43
C GLN A 161 42.49 -11.51 15.98
N PHE A 162 41.45 -11.39 15.14
CA PHE A 162 40.27 -10.65 15.52
C PHE A 162 39.58 -11.39 16.59
N PHE A 163 39.49 -12.71 16.45
CA PHE A 163 38.84 -13.52 17.51
C PHE A 163 39.63 -13.44 18.82
N ASP A 164 40.95 -13.50 18.72
CA ASP A 164 41.76 -13.49 19.92
C ASP A 164 41.60 -12.13 20.66
N LEU A 165 41.65 -11.02 19.94
CA LEU A 165 41.54 -9.71 20.57
C LEU A 165 40.15 -9.49 21.19
N LYS A 166 39.11 -9.96 20.50
CA LYS A 166 37.78 -9.85 21.07
C LYS A 166 37.70 -10.72 22.27
N GLN A 167 38.25 -11.93 22.20
CA GLN A 167 38.16 -12.77 23.40
C GLN A 167 38.90 -12.10 24.59
N LEU A 168 40.06 -11.50 24.34
CA LEU A 168 40.80 -10.80 25.41
C LEU A 168 39.96 -9.62 25.99
N LEU A 169 39.35 -8.81 25.11
CA LEU A 169 38.46 -7.71 25.55
C LEU A 169 37.31 -8.18 26.48
N TYR A 170 36.64 -9.26 26.10
CA TYR A 170 35.46 -9.74 26.89
C TYR A 170 35.92 -10.40 28.14
N GLU A 171 37.14 -10.88 28.14
CA GLU A 171 37.68 -11.36 29.41
C GLU A 171 37.97 -10.22 30.39
N LYS A 172 38.65 -9.19 29.90
CA LYS A 172 38.98 -8.06 30.74
C LYS A 172 37.71 -7.33 31.24
N PHE A 173 36.68 -7.27 30.39
CA PHE A 173 35.44 -6.58 30.74
C PHE A 173 34.29 -7.51 31.08
N GLY A 174 34.64 -8.74 31.48
CA GLY A 174 33.65 -9.81 31.71
C GLY A 174 32.80 -9.64 32.96
N ASP A 175 33.24 -8.81 33.92
CA ASP A 175 32.43 -8.46 35.09
C ASP A 175 32.01 -7.00 35.08
N ASP A 176 31.95 -6.44 33.88
CA ASP A 176 31.43 -5.12 33.67
C ASP A 176 30.07 -5.21 32.93
N GLU A 177 29.00 -5.17 33.72
CA GLU A 177 27.65 -5.30 33.21
C GLU A 177 27.39 -4.26 32.15
N GLU A 178 27.85 -3.04 32.39
CA GLU A 178 27.61 -1.99 31.42
C GLU A 178 28.22 -2.33 30.10
N PHE A 179 29.41 -2.94 30.11
CA PHE A 179 30.03 -3.28 28.84
C PHE A 179 29.25 -4.43 28.17
N LEU A 180 28.97 -5.45 28.95
CA LEU A 180 28.35 -6.65 28.41
C LEU A 180 26.99 -6.37 27.76
N LEU A 181 26.28 -5.36 28.27
CA LEU A 181 24.98 -5.00 27.72
C LEU A 181 24.99 -3.69 26.95
N LYS A 182 26.15 -3.21 26.50
CA LYS A 182 26.24 -1.96 25.74
C LYS A 182 26.07 -2.22 24.23
N VAL A 183 25.25 -1.36 23.62
CA VAL A 183 25.07 -1.40 22.16
C VAL A 183 25.96 -0.40 21.39
N ALA A 184 26.24 -0.72 20.13
CA ALA A 184 27.14 0.08 19.25
C ALA A 184 26.79 1.58 19.17
N GLY B 1 -7.41 -22.18 -22.96
CA GLY B 1 -6.94 -22.03 -21.54
C GLY B 1 -5.46 -21.72 -21.38
N MET B 2 -4.94 -21.98 -20.19
CA MET B 2 -3.50 -21.82 -19.89
C MET B 2 -2.65 -22.77 -20.69
N ASP B 3 -1.43 -22.37 -21.05
CA ASP B 3 -0.53 -23.24 -21.81
C ASP B 3 -0.55 -24.63 -21.16
N TYR B 4 -0.55 -25.67 -21.97
CA TYR B 4 -0.51 -27.05 -21.47
C TYR B 4 0.77 -27.33 -20.67
N GLN B 5 1.89 -26.75 -21.11
CA GLN B 5 3.18 -26.95 -20.41
C GLN B 5 3.21 -26.29 -19.02
N GLU B 6 2.61 -25.11 -18.89
CA GLU B 6 2.52 -24.43 -17.59
C GLU B 6 1.69 -25.31 -16.64
N TYR B 7 0.61 -25.87 -17.17
CA TYR B 7 -0.24 -26.79 -16.41
C TYR B 7 0.53 -27.96 -15.82
N GLN B 8 1.25 -28.66 -16.68
CA GLN B 8 1.94 -29.87 -16.28
C GLN B 8 3.06 -29.53 -15.29
N GLN B 9 3.67 -28.35 -15.45
CA GLN B 9 4.71 -27.90 -14.51
C GLN B 9 4.11 -27.75 -13.11
N PHE B 10 2.91 -27.14 -13.04
CA PHE B 10 2.21 -27.03 -11.77
C PHE B 10 1.87 -28.42 -11.17
N LEU B 11 1.43 -29.36 -11.99
CA LEU B 11 1.15 -30.72 -11.53
C LEU B 11 2.37 -31.37 -10.93
N ALA B 12 3.49 -31.25 -11.59
CA ALA B 12 4.72 -31.88 -11.09
C ALA B 12 5.10 -31.28 -9.74
N ARG B 13 5.02 -29.95 -9.65
CA ARG B 13 5.29 -29.24 -8.40
C ARG B 13 4.37 -29.71 -7.27
N ILE B 14 3.08 -29.86 -7.57
CA ILE B 14 2.13 -30.29 -6.57
C ILE B 14 2.44 -31.75 -6.14
N ASN B 15 2.70 -32.59 -7.14
CA ASN B 15 3.05 -34.00 -6.89
C ASN B 15 4.35 -34.19 -6.09
N THR B 16 5.38 -33.38 -6.34
CA THR B 16 6.62 -33.53 -5.61
C THR B 16 6.69 -32.74 -4.28
N ALA B 17 5.73 -31.82 -4.03
CA ALA B 17 5.71 -31.04 -2.76
C ALA B 17 5.40 -31.90 -1.54
N ARG B 18 6.07 -31.61 -0.43
CA ARG B 18 5.72 -32.24 0.84
C ARG B 18 5.60 -31.28 2.01
N ASP B 19 5.89 -30.01 1.81
CA ASP B 19 5.93 -29.06 2.91
C ASP B 19 4.93 -27.94 2.67
N ALA B 20 4.28 -27.50 3.74
CA ALA B 20 3.30 -26.42 3.74
C ALA B 20 3.80 -25.20 2.96
N CYS B 21 5.03 -24.78 3.23
CA CYS B 21 5.57 -23.55 2.64
C CYS B 21 5.77 -23.66 1.12
N VAL B 22 6.18 -24.84 0.66
CA VAL B 22 6.31 -25.06 -0.77
C VAL B 22 4.90 -25.02 -1.40
N ALA B 23 3.94 -25.63 -0.71
CA ALA B 23 2.58 -25.67 -1.15
C ALA B 23 1.99 -24.26 -1.25
N LYS B 24 2.23 -23.41 -0.25
CA LYS B 24 1.71 -22.02 -0.31
C LYS B 24 2.37 -21.27 -1.46
N ASP B 25 3.65 -21.51 -1.68
CA ASP B 25 4.32 -20.93 -2.82
C ASP B 25 3.65 -21.31 -4.13
N ILE B 26 3.30 -22.58 -4.28
CA ILE B 26 2.56 -23.00 -5.47
C ILE B 26 1.24 -22.23 -5.57
N ASP B 27 0.51 -22.13 -4.48
CA ASP B 27 -0.75 -21.42 -4.41
C ASP B 27 -0.56 -19.94 -4.89
N VAL B 28 0.48 -19.27 -4.40
CA VAL B 28 0.72 -17.88 -4.81
C VAL B 28 1.07 -17.86 -6.27
N ASP B 29 1.88 -18.80 -6.70
CA ASP B 29 2.27 -18.85 -8.10
C ASP B 29 1.06 -19.15 -8.98
N LEU B 30 0.08 -19.93 -8.54
CA LEU B 30 -1.11 -20.20 -9.38
C LEU B 30 -1.88 -18.88 -9.57
N LEU B 31 -1.93 -18.04 -8.53
CA LEU B 31 -2.67 -16.81 -8.60
C LEU B 31 -2.00 -15.86 -9.55
N MET B 32 -0.66 -15.81 -9.55
CA MET B 32 0.03 -14.93 -10.48
CA MET B 32 0.06 -14.93 -10.49
CA MET B 32 0.09 -14.96 -10.47
C MET B 32 -0.08 -15.44 -11.92
N ALA B 33 -0.08 -16.77 -12.11
CA ALA B 33 -0.22 -17.36 -13.43
C ALA B 33 -1.63 -17.06 -13.97
N ARG B 34 -2.63 -17.12 -13.09
CA ARG B 34 -3.99 -16.81 -13.45
C ARG B 34 -4.13 -15.32 -13.87
N HIS B 35 -3.56 -14.41 -13.10
CA HIS B 35 -3.49 -12.97 -13.43
C HIS B 35 -2.85 -12.75 -14.79
N ASP B 36 -1.74 -13.43 -15.05
CA ASP B 36 -0.97 -13.18 -16.22
C ASP B 36 -1.67 -13.80 -17.44
N TYR B 37 -2.35 -14.91 -17.23
CA TYR B 37 -3.17 -15.53 -18.28
C TYR B 37 -4.31 -14.57 -18.67
N PHE B 38 -4.97 -14.00 -17.68
CA PHE B 38 -6.00 -13.01 -17.95
C PHE B 38 -5.40 -11.82 -18.72
N GLY B 39 -4.23 -11.37 -18.27
CA GLY B 39 -3.52 -10.29 -18.95
C GLY B 39 -3.30 -10.57 -20.42
N ARG B 40 -2.77 -11.75 -20.74
CA ARG B 40 -2.49 -12.04 -22.13
C ARG B 40 -3.76 -12.01 -22.99
N GLU B 41 -4.83 -12.62 -22.49
CA GLU B 41 -6.11 -12.70 -23.19
C GLU B 41 -6.83 -11.32 -23.29
N LEU B 42 -6.79 -10.54 -22.23
CA LEU B 42 -7.23 -9.16 -22.23
C LEU B 42 -6.48 -8.34 -23.28
N CYS B 43 -5.16 -8.47 -23.35
CA CYS B 43 -4.42 -7.67 -24.28
C CYS B 43 -4.80 -7.98 -25.74
N LYS B 44 -5.04 -9.27 -26.03
CA LYS B 44 -5.50 -9.69 -27.35
C LYS B 44 -6.83 -9.04 -27.64
N SER B 45 -7.77 -9.06 -26.69
CA SER B 45 -9.02 -8.36 -26.83
C SER B 45 -8.93 -6.84 -26.97
N LEU B 46 -7.96 -6.18 -26.34
CA LEU B 46 -7.78 -4.74 -26.49
C LEU B 46 -6.92 -4.38 -27.70
N ASN B 47 -6.34 -5.38 -28.34
CA ASN B 47 -5.39 -5.13 -29.39
C ASN B 47 -4.24 -4.21 -28.94
N ILE B 48 -3.67 -4.52 -27.77
CA ILE B 48 -2.42 -3.91 -27.33
C ILE B 48 -1.33 -4.99 -27.09
N GLU B 49 -0.08 -4.59 -27.23
CA GLU B 49 1.03 -5.48 -26.95
C GLU B 49 0.95 -5.97 -25.47
N TYR B 50 1.10 -7.27 -25.25
CA TYR B 50 1.13 -7.79 -23.90
C TYR B 50 2.33 -7.21 -23.17
N ARG B 51 2.10 -6.68 -21.99
CA ARG B 51 3.18 -6.24 -21.13
C ARG B 51 2.82 -6.61 -19.69
N ASN B 52 3.82 -6.56 -18.84
CA ASN B 52 3.69 -6.82 -17.41
C ASN B 52 4.63 -5.90 -16.64
N ASP B 53 4.12 -5.21 -15.61
CA ASP B 53 4.94 -4.33 -14.75
C ASP B 53 5.93 -3.44 -15.49
N VAL B 54 5.42 -2.43 -16.17
CA VAL B 54 6.24 -1.56 -17.01
C VAL B 54 6.73 -0.38 -16.15
N PRO B 55 8.04 -0.15 -16.07
CA PRO B 55 8.54 1.04 -15.36
C PRO B 55 7.92 2.33 -15.90
N PHE B 56 7.40 3.18 -15.04
CA PHE B 56 6.77 4.40 -15.51
C PHE B 56 7.65 5.26 -16.41
N ILE B 57 8.93 5.34 -16.07
CA ILE B 57 9.87 6.09 -16.87
C ILE B 57 9.95 5.58 -18.33
N ASP B 58 9.88 4.26 -18.53
CA ASP B 58 9.84 3.69 -19.89
C ASP B 58 8.58 4.08 -20.64
N ILE B 59 7.47 4.22 -19.91
CA ILE B 59 6.25 4.73 -20.50
C ILE B 59 6.49 6.14 -21.02
N ILE B 60 7.12 6.98 -20.21
CA ILE B 60 7.27 8.38 -20.57
C ILE B 60 8.16 8.46 -21.78
N LEU B 61 9.23 7.70 -21.79
CA LEU B 61 10.15 7.70 -22.91
C LEU B 61 9.52 7.24 -24.22
N ASP B 62 8.58 6.30 -24.15
CA ASP B 62 7.87 5.84 -25.33
C ASP B 62 6.95 6.93 -25.84
N ILE B 63 6.21 7.58 -24.94
CA ILE B 63 5.26 8.57 -25.38
C ILE B 63 5.86 9.96 -25.66
N ARG B 64 6.97 10.31 -24.99
CA ARG B 64 7.66 11.58 -25.23
C ARG B 64 9.16 11.33 -25.31
N PRO B 65 9.64 10.90 -26.48
CA PRO B 65 11.04 10.43 -26.56
C PRO B 65 12.12 11.52 -26.48
N GLU B 66 11.73 12.79 -26.54
CA GLU B 66 12.65 13.90 -26.25
C GLU B 66 12.94 14.14 -24.76
N VAL B 67 12.14 13.57 -23.87
CA VAL B 67 12.36 13.75 -22.43
C VAL B 67 13.73 13.20 -22.03
N ASP B 68 14.44 13.91 -21.16
CA ASP B 68 15.70 13.42 -20.63
C ASP B 68 15.41 12.49 -19.46
N PRO B 69 15.70 11.20 -19.62
CA PRO B 69 15.40 10.22 -18.59
C PRO B 69 16.22 10.36 -17.32
N LEU B 70 17.35 11.06 -17.39
CA LEU B 70 18.21 11.27 -16.22
C LEU B 70 17.63 12.30 -15.23
N THR B 71 16.71 13.10 -15.71
CA THR B 71 16.36 14.36 -15.08
C THR B 71 14.86 14.58 -14.79
N ILE B 72 13.98 13.84 -15.47
CA ILE B 72 12.54 14.07 -15.40
C ILE B 72 12.09 13.66 -14.00
N ASP B 73 11.28 14.50 -13.35
CA ASP B 73 10.72 14.19 -12.02
C ASP B 73 9.46 13.38 -12.19
N ALA B 74 9.54 12.04 -12.04
CA ALA B 74 8.47 11.10 -12.37
C ALA B 74 8.27 10.02 -11.30
N PRO B 75 7.04 9.46 -11.21
CA PRO B 75 6.73 8.55 -10.15
C PRO B 75 7.36 7.22 -10.39
N HIS B 76 7.42 6.41 -9.33
CA HIS B 76 8.09 5.08 -9.46
CA HIS B 76 8.07 5.17 -9.24
C HIS B 76 7.03 4.04 -9.19
N ILE B 77 6.29 3.74 -10.27
CA ILE B 77 5.24 2.73 -10.23
C ILE B 77 5.44 1.85 -11.45
N THR B 78 4.85 0.67 -11.38
CA THR B 78 5.14 -0.36 -12.33
C THR B 78 3.81 -0.99 -12.82
N PRO B 79 3.01 -0.19 -13.56
CA PRO B 79 1.72 -0.77 -13.93
C PRO B 79 1.87 -1.92 -14.90
N ASP B 80 0.84 -2.73 -14.98
CA ASP B 80 0.81 -3.84 -15.91
C ASP B 80 0.91 -3.44 -17.35
N ASN B 81 0.25 -2.35 -17.74
CA ASN B 81 0.31 -1.94 -19.13
C ASN B 81 -0.14 -0.50 -19.28
N TYR B 82 -0.18 -0.06 -20.50
CA TYR B 82 -0.66 1.28 -20.76
C TYR B 82 -1.11 1.42 -22.23
N LEU B 83 -1.82 2.51 -22.50
CA LEU B 83 -2.18 2.87 -23.86
C LEU B 83 -2.19 4.37 -23.96
N TYR B 84 -1.45 4.88 -24.94
CA TYR B 84 -1.35 6.30 -25.22
C TYR B 84 -2.09 6.60 -26.51
N ILE B 85 -3.21 7.29 -26.43
CA ILE B 85 -4.09 7.54 -27.57
C ILE B 85 -4.69 8.93 -27.54
N ASN B 86 -4.58 9.63 -28.67
CA ASN B 86 -5.05 11.01 -28.76
C ASN B 86 -4.60 11.88 -27.60
N ASN B 87 -3.32 11.87 -27.34
CA ASN B 87 -2.76 12.57 -26.18
C ASN B 87 -3.40 12.32 -24.79
N VAL B 88 -3.98 11.15 -24.54
CA VAL B 88 -4.46 10.72 -23.21
C VAL B 88 -3.67 9.48 -22.87
N LEU B 89 -3.08 9.43 -21.67
CA LEU B 89 -2.35 8.24 -21.27
C LEU B 89 -3.22 7.43 -20.33
N TYR B 90 -3.48 6.18 -20.72
CA TYR B 90 -4.33 5.29 -19.93
C TYR B 90 -3.33 4.36 -19.27
N ILE B 91 -3.33 4.35 -17.95
CA ILE B 91 -2.49 3.45 -17.18
C ILE B 91 -3.34 2.22 -16.75
N ILE B 92 -2.91 1.02 -17.14
CA ILE B 92 -3.76 -0.15 -17.02
C ILE B 92 -3.18 -1.14 -16.00
N ASP B 93 -4.00 -1.61 -15.06
CA ASP B 93 -3.64 -2.80 -14.28
C ASP B 93 -4.66 -3.91 -14.41
N TYR B 94 -4.16 -5.13 -14.57
CA TYR B 94 -5.03 -6.30 -14.65
C TYR B 94 -5.30 -6.76 -13.22
N LYS B 95 -6.53 -7.18 -12.95
CA LYS B 95 -6.86 -7.83 -11.67
C LYS B 95 -7.77 -9.05 -11.94
N VAL B 96 -7.56 -10.11 -11.13
CA VAL B 96 -8.47 -11.23 -11.08
C VAL B 96 -8.95 -11.33 -9.65
N SER B 97 -10.20 -10.98 -9.37
CA SER B 97 -10.67 -11.07 -8.01
C SER B 97 -12.19 -10.97 -7.93
N VAL B 98 -12.76 -11.58 -6.89
CA VAL B 98 -14.19 -11.51 -6.71
C VAL B 98 -14.59 -10.27 -5.97
N SER B 99 -13.64 -9.48 -5.52
CA SER B 99 -14.02 -8.17 -5.00
C SER B 99 -13.16 -7.05 -5.54
N ASN B 100 -13.58 -5.84 -5.21
CA ASN B 100 -12.93 -4.64 -5.69
C ASN B 100 -11.78 -4.18 -4.78
N GLU B 101 -11.54 -4.86 -3.66
CA GLU B 101 -10.62 -4.35 -2.67
C GLU B 101 -9.25 -4.04 -3.26
N SER B 102 -8.59 -5.02 -3.89
CA SER B 102 -7.28 -4.84 -4.48
C SER B 102 -7.30 -3.72 -5.59
N SER B 103 -8.46 -3.54 -6.21
CA SER B 103 -8.62 -2.52 -7.27
C SER B 103 -8.60 -1.12 -6.73
N VAL B 104 -9.33 -0.89 -5.65
CA VAL B 104 -9.33 0.38 -4.97
C VAL B 104 -7.93 0.74 -4.43
N ILE B 105 -7.22 -0.23 -3.87
CA ILE B 105 -5.86 0.02 -3.40
C ILE B 105 -4.93 0.47 -4.55
N THR B 106 -4.90 -0.29 -5.65
CA THR B 106 -4.05 0.06 -6.80
C THR B 106 -4.51 1.38 -7.44
N TYR B 107 -5.82 1.57 -7.58
CA TYR B 107 -6.32 2.79 -8.18
C TYR B 107 -5.88 4.02 -7.37
N ASP B 108 -6.10 3.99 -6.05
CA ASP B 108 -5.73 5.15 -5.20
C ASP B 108 -4.25 5.46 -5.29
N LYS B 109 -3.41 4.45 -5.22
CA LYS B 109 -1.99 4.68 -5.31
C LYS B 109 -1.57 5.24 -6.69
N TYR B 110 -2.02 4.61 -7.79
CA TYR B 110 -1.67 5.05 -9.13
C TYR B 110 -2.21 6.46 -9.41
N TYR B 111 -3.43 6.73 -9.01
CA TYR B 111 -4.02 8.04 -9.23
C TYR B 111 -3.19 9.12 -8.47
N GLU B 112 -2.97 8.89 -7.18
CA GLU B 112 -2.25 9.87 -6.37
C GLU B 112 -0.84 10.12 -6.92
N LEU B 113 -0.13 9.08 -7.30
CA LEU B 113 1.25 9.21 -7.73
C LEU B 113 1.45 9.72 -9.15
N THR B 114 0.40 9.88 -9.94
CA THR B 114 0.52 10.35 -11.33
C THR B 114 -0.07 11.74 -11.53
N ARG B 115 -0.68 12.35 -10.51
CA ARG B 115 -1.21 13.71 -10.64
C ARG B 115 -0.11 14.73 -11.09
N ASP B 116 1.04 14.66 -10.45
CA ASP B 116 2.07 15.67 -10.68
C ASP B 116 2.68 15.49 -12.06
N ILE B 117 3.01 14.26 -12.41
CA ILE B 117 3.56 14.05 -13.73
C ILE B 117 2.56 14.40 -14.83
N SER B 118 1.26 14.29 -14.54
CA SER B 118 0.24 14.61 -15.51
C SER B 118 0.28 16.14 -15.78
N ASP B 119 0.35 16.94 -14.72
CA ASP B 119 0.49 18.41 -14.82
C ASP B 119 1.76 18.79 -15.56
N ARG B 120 2.89 18.15 -15.25
CA ARG B 120 4.15 18.51 -15.89
C ARG B 120 4.19 18.21 -17.38
N LEU B 121 3.66 17.06 -17.76
CA LEU B 121 3.67 16.68 -19.16
C LEU B 121 2.56 17.38 -19.92
N SER B 122 1.58 17.95 -19.22
CA SER B 122 0.35 18.37 -19.84
C SER B 122 -0.30 17.22 -20.63
N ILE B 123 -0.38 16.04 -20.01
CA ILE B 123 -1.06 14.84 -20.56
C ILE B 123 -2.04 14.34 -19.44
N PRO B 124 -3.35 14.29 -19.74
CA PRO B 124 -4.26 13.64 -18.81
C PRO B 124 -3.84 12.20 -18.61
N ILE B 125 -3.90 11.74 -17.37
CA ILE B 125 -3.51 10.35 -17.04
C ILE B 125 -4.72 9.74 -16.36
N GLU B 126 -5.28 8.72 -17.02
CA GLU B 126 -6.47 7.98 -16.59
C GLU B 126 -6.04 6.61 -16.12
N ILE B 127 -6.44 6.28 -14.91
CA ILE B 127 -6.03 5.04 -14.28
C ILE B 127 -7.16 4.03 -14.56
N VAL B 128 -6.81 2.92 -15.18
CA VAL B 128 -7.80 1.97 -15.64
C VAL B 128 -7.53 0.61 -15.00
N ILE B 129 -8.35 0.26 -14.03
CA ILE B 129 -8.18 -1.04 -13.40
C ILE B 129 -9.18 -1.95 -14.08
N ILE B 130 -8.66 -3.00 -14.71
CA ILE B 130 -9.51 -3.95 -15.42
C ILE B 130 -9.53 -5.28 -14.68
N ARG B 131 -10.68 -5.58 -14.07
CA ARG B 131 -10.83 -6.74 -13.23
C ARG B 131 -11.79 -7.76 -13.82
N ILE B 132 -11.39 -9.03 -13.82
CA ILE B 132 -12.35 -10.09 -14.14
C ILE B 132 -12.69 -10.84 -12.83
N ASP B 133 -13.96 -11.07 -12.59
CA ASP B 133 -14.40 -11.86 -11.44
C ASP B 133 -14.20 -13.32 -11.85
N PRO B 134 -13.35 -14.06 -11.14
CA PRO B 134 -13.05 -15.41 -11.67
C PRO B 134 -14.21 -16.45 -11.57
N VAL B 135 -15.27 -16.11 -10.84
CA VAL B 135 -16.40 -17.01 -10.60
C VAL B 135 -17.51 -16.66 -11.56
N SER B 136 -17.89 -15.40 -11.61
CA SER B 136 -18.91 -14.98 -12.58
C SER B 136 -18.38 -14.81 -13.99
N ARG B 137 -17.06 -14.63 -14.11
CA ARG B 137 -16.40 -14.29 -15.39
C ARG B 137 -16.80 -12.95 -16.02
N ASP B 138 -17.52 -12.14 -15.28
CA ASP B 138 -17.79 -10.77 -15.68
C ASP B 138 -16.57 -9.84 -15.60
N LEU B 139 -16.54 -8.89 -16.53
CA LEU B 139 -15.46 -7.94 -16.68
C LEU B 139 -15.93 -6.58 -16.17
N HIS B 140 -15.17 -6.01 -15.23
CA HIS B 140 -15.48 -4.70 -14.65
C HIS B 140 -14.33 -3.73 -14.83
N ILE B 141 -14.64 -2.60 -15.45
CA ILE B 141 -13.66 -1.56 -15.74
C ILE B 141 -14.16 -0.27 -15.15
N ASN B 142 -13.36 0.35 -14.27
CA ASN B 142 -13.78 1.55 -13.56
C ASN B 142 -13.96 2.73 -14.46
N SER B 143 -13.14 2.83 -15.49
CA SER B 143 -12.98 4.06 -16.26
C SER B 143 -14.00 4.20 -17.39
N ASP B 144 -14.88 5.19 -17.28
CA ASP B 144 -15.83 5.51 -18.34
C ASP B 144 -15.10 5.98 -19.58
N ARG B 145 -14.08 6.79 -19.40
CA ARG B 145 -13.33 7.25 -20.54
C ARG B 145 -12.69 6.13 -21.34
N PHE B 146 -12.11 5.16 -20.67
CA PHE B 146 -11.54 4.03 -21.38
C PHE B 146 -12.66 3.24 -22.10
N LYS B 147 -13.78 3.03 -21.43
CA LYS B 147 -14.89 2.28 -22.00
C LYS B 147 -15.53 2.97 -23.21
N GLU B 148 -15.60 4.28 -23.18
CA GLU B 148 -15.98 5.07 -24.36
C GLU B 148 -15.00 4.94 -25.52
N LEU B 149 -13.70 4.74 -25.26
CA LEU B 149 -12.71 4.62 -26.31
C LEU B 149 -12.88 3.29 -27.10
N TYR B 150 -13.38 2.24 -26.44
CA TYR B 150 -13.39 0.94 -27.03
C TYR B 150 -14.80 0.53 -27.41
N PRO B 151 -14.94 -0.32 -28.45
CA PRO B 151 -16.15 -1.14 -28.55
C PRO B 151 -16.26 -2.04 -27.33
N THR B 152 -17.44 -2.61 -27.10
CA THR B 152 -17.64 -3.56 -26.00
C THR B 152 -16.48 -4.57 -25.92
N ILE B 153 -15.85 -4.64 -24.75
CA ILE B 153 -14.68 -5.47 -24.57
C ILE B 153 -15.15 -6.81 -24.03
N VAL B 154 -14.83 -7.89 -24.73
CA VAL B 154 -15.22 -9.20 -24.33
C VAL B 154 -13.94 -10.01 -24.16
N VAL B 155 -13.77 -10.64 -22.99
CA VAL B 155 -12.65 -11.55 -22.76
C VAL B 155 -13.29 -12.87 -22.28
N ASP B 156 -13.49 -13.79 -23.20
CA ASP B 156 -14.38 -14.94 -22.93
C ASP B 156 -13.49 -16.13 -22.58
N ILE B 157 -13.20 -16.28 -21.30
CA ILE B 157 -12.24 -17.29 -20.86
C ILE B 157 -12.78 -17.82 -19.58
N ASN B 158 -12.19 -18.92 -19.13
CA ASN B 158 -12.39 -19.34 -17.77
C ASN B 158 -11.10 -19.79 -17.10
N PHE B 159 -11.22 -19.99 -15.80
CA PHE B 159 -10.14 -20.32 -14.93
C PHE B 159 -10.29 -21.74 -14.33
N ASN B 160 -11.02 -22.60 -15.03
CA ASN B 160 -11.28 -23.99 -14.57
C ASN B 160 -10.00 -24.78 -14.26
N GLN B 161 -8.99 -24.66 -15.08
CA GLN B 161 -7.72 -25.37 -14.83
C GLN B 161 -7.04 -24.86 -13.54
N PHE B 162 -7.15 -23.56 -13.25
CA PHE B 162 -6.53 -23.01 -12.06
C PHE B 162 -7.32 -23.53 -10.91
N PHE B 163 -8.65 -23.61 -11.07
CA PHE B 163 -9.50 -24.14 -10.02
CA PHE B 163 -9.45 -24.09 -9.97
C PHE B 163 -9.14 -25.58 -9.73
N ASP B 164 -8.90 -26.36 -10.80
CA ASP B 164 -8.57 -27.79 -10.65
C ASP B 164 -7.18 -27.97 -10.00
N LEU B 165 -6.17 -27.21 -10.44
CA LEU B 165 -4.86 -27.25 -9.76
C LEU B 165 -5.00 -26.90 -8.31
N LYS B 166 -5.77 -25.88 -8.00
CA LYS B 166 -5.96 -25.51 -6.61
C LYS B 166 -6.61 -26.66 -5.80
N GLN B 167 -7.61 -27.34 -6.39
CA GLN B 167 -8.22 -28.49 -5.72
C GLN B 167 -7.24 -29.64 -5.45
N LEU B 168 -6.31 -29.89 -6.36
CA LEU B 168 -5.30 -30.90 -6.12
C LEU B 168 -4.42 -30.51 -4.96
N LEU B 169 -4.02 -29.23 -4.91
CA LEU B 169 -3.18 -28.72 -3.83
C LEU B 169 -3.85 -28.96 -2.48
N TYR B 170 -5.15 -28.65 -2.42
CA TYR B 170 -5.92 -28.80 -1.20
C TYR B 170 -6.26 -30.26 -0.86
N GLU B 171 -6.39 -31.11 -1.87
CA GLU B 171 -6.55 -32.55 -1.61
C GLU B 171 -5.28 -33.07 -0.88
N LYS B 172 -4.09 -32.61 -1.27
CA LYS B 172 -2.85 -33.06 -0.64
C LYS B 172 -2.51 -32.30 0.69
N PHE B 173 -2.76 -30.99 0.77
CA PHE B 173 -2.38 -30.20 1.96
C PHE B 173 -3.50 -29.66 2.82
N GLY B 174 -4.72 -30.10 2.54
CA GLY B 174 -5.88 -29.54 3.21
C GLY B 174 -6.01 -29.84 4.67
N ASP B 175 -5.32 -30.88 5.13
CA ASP B 175 -5.24 -31.15 6.57
C ASP B 175 -3.91 -30.74 7.21
N ASP B 176 -3.15 -29.88 6.58
CA ASP B 176 -1.90 -29.41 7.15
C ASP B 176 -2.17 -27.99 7.67
N GLU B 177 -2.22 -27.84 9.00
CA GLU B 177 -2.47 -26.56 9.62
C GLU B 177 -1.53 -25.48 9.12
N GLU B 178 -0.26 -25.81 8.91
CA GLU B 178 0.70 -24.80 8.51
C GLU B 178 0.39 -24.22 7.16
N PHE B 179 -0.09 -25.07 6.25
CA PHE B 179 -0.55 -24.65 4.94
C PHE B 179 -1.79 -23.77 5.05
N LEU B 180 -2.77 -24.22 5.81
CA LEU B 180 -4.07 -23.55 5.87
C LEU B 180 -3.95 -22.14 6.40
N LEU B 181 -2.97 -21.92 7.27
CA LEU B 181 -2.69 -20.59 7.85
C LEU B 181 -1.40 -19.93 7.37
N LYS B 182 -0.82 -20.41 6.28
CA LYS B 182 0.42 -19.82 5.74
C LYS B 182 0.13 -18.60 4.88
N VAL B 183 0.94 -17.55 5.05
CA VAL B 183 0.84 -16.32 4.23
C VAL B 183 1.52 -16.38 2.84
N ALA B 184 2.77 -16.84 2.83
N GLY C 1 -32.06 -22.92 1.27
CA GLY C 1 -30.95 -21.92 1.18
C GLY C 1 -31.18 -20.74 2.12
N MET C 2 -30.92 -19.52 1.65
CA MET C 2 -31.24 -18.34 2.46
C MET C 2 -32.75 -18.13 2.58
N ASP C 3 -33.12 -17.57 3.72
CA ASP C 3 -34.47 -17.20 4.00
C ASP C 3 -35.09 -16.45 2.82
N TYR C 4 -36.26 -16.89 2.36
CA TYR C 4 -36.99 -16.20 1.30
C TYR C 4 -37.50 -14.75 1.64
N GLN C 5 -37.70 -14.42 2.91
CA GLN C 5 -37.98 -13.03 3.26
C GLN C 5 -36.72 -12.21 2.96
N GLU C 6 -35.61 -12.65 3.55
CA GLU C 6 -34.33 -11.94 3.52
C GLU C 6 -34.00 -11.74 2.05
N TYR C 7 -34.18 -12.79 1.25
CA TYR C 7 -34.03 -12.68 -0.20
C TYR C 7 -34.83 -11.55 -0.80
N GLN C 8 -36.13 -11.54 -0.52
CA GLN C 8 -37.02 -10.58 -1.15
C GLN C 8 -36.69 -9.16 -0.69
N GLN C 9 -36.31 -8.99 0.56
CA GLN C 9 -35.87 -7.69 1.05
C GLN C 9 -34.56 -7.20 0.34
N PHE C 10 -33.60 -8.11 0.06
CA PHE C 10 -32.40 -7.72 -0.68
C PHE C 10 -32.83 -7.28 -2.05
N LEU C 11 -33.77 -8.01 -2.63
CA LEU C 11 -34.22 -7.76 -4.00
C LEU C 11 -34.88 -6.39 -4.09
N ALA C 12 -35.63 -6.03 -3.04
CA ALA C 12 -36.31 -4.75 -2.97
C ALA C 12 -35.30 -3.61 -2.91
N ARG C 13 -34.28 -3.77 -2.07
CA ARG C 13 -33.22 -2.76 -1.93
C ARG C 13 -32.48 -2.55 -3.23
N ILE C 14 -32.12 -3.62 -3.90
CA ILE C 14 -31.50 -3.52 -5.21
C ILE C 14 -32.40 -2.75 -6.16
N ASN C 15 -33.70 -3.10 -6.17
CA ASN C 15 -34.62 -2.51 -7.14
C ASN C 15 -34.87 -1.03 -6.87
N THR C 16 -34.95 -0.65 -5.60
CA THR C 16 -35.12 0.76 -5.30
C THR C 16 -33.80 1.60 -5.29
N ALA C 17 -32.63 0.96 -5.19
CA ALA C 17 -31.37 1.72 -5.08
C ALA C 17 -31.08 2.53 -6.34
N ARG C 18 -30.67 3.80 -6.18
CA ARG C 18 -30.22 4.58 -7.36
C ARG C 18 -28.83 5.17 -7.20
N ASP C 19 -28.22 5.04 -6.04
CA ASP C 19 -26.95 5.68 -5.80
C ASP C 19 -25.91 4.67 -5.40
N ALA C 20 -24.70 4.91 -5.89
CA ALA C 20 -23.56 4.10 -5.66
C ALA C 20 -23.32 3.80 -4.18
N CYS C 21 -23.51 4.78 -3.29
CA CYS C 21 -23.28 4.55 -1.88
C CYS C 21 -24.34 3.61 -1.27
N VAL C 22 -25.60 3.72 -1.70
CA VAL C 22 -26.61 2.75 -1.27
C VAL C 22 -26.29 1.34 -1.81
N ALA C 23 -25.87 1.26 -3.07
CA ALA C 23 -25.52 -0.02 -3.67
C ALA C 23 -24.40 -0.72 -2.91
N LYS C 24 -23.36 0.03 -2.58
CA LYS C 24 -22.23 -0.55 -1.86
C LYS C 24 -22.67 -1.07 -0.50
N ASP C 25 -23.56 -0.35 0.17
CA ASP C 25 -24.11 -0.87 1.42
C ASP C 25 -24.84 -2.21 1.24
N ILE C 26 -25.48 -2.43 0.10
CA ILE C 26 -26.12 -3.68 -0.18
C ILE C 26 -25.04 -4.75 -0.40
N ASP C 27 -24.01 -4.43 -1.15
CA ASP C 27 -22.90 -5.34 -1.38
C ASP C 27 -22.36 -5.83 -0.03
N VAL C 28 -22.11 -4.90 0.87
CA VAL C 28 -21.52 -5.22 2.16
C VAL C 28 -22.50 -6.05 2.98
N ASP C 29 -23.77 -5.65 3.01
CA ASP C 29 -24.80 -6.40 3.73
C ASP C 29 -24.96 -7.84 3.16
N LEU C 30 -24.81 -8.02 1.85
CA LEU C 30 -24.89 -9.36 1.28
C LEU C 30 -23.80 -10.25 1.87
N LEU C 31 -22.61 -9.70 2.01
CA LEU C 31 -21.49 -10.50 2.46
C LEU C 31 -21.67 -10.86 3.92
N MET C 32 -22.14 -9.92 4.74
CA MET C 32 -22.36 -10.25 6.15
CA MET C 32 -22.43 -10.17 6.15
C MET C 32 -23.54 -11.23 6.30
N ALA C 33 -24.59 -11.12 5.51
CA ALA C 33 -25.70 -12.10 5.56
C ALA C 33 -25.18 -13.48 5.14
N ARG C 34 -24.30 -13.54 4.16
CA ARG C 34 -23.75 -14.82 3.70
C ARG C 34 -22.93 -15.49 4.81
N HIS C 35 -22.14 -14.69 5.49
CA HIS C 35 -21.31 -15.20 6.58
C HIS C 35 -22.22 -15.76 7.66
N ASP C 36 -23.24 -14.99 8.01
CA ASP C 36 -24.15 -15.40 9.10
C ASP C 36 -24.97 -16.66 8.75
N TYR C 37 -25.43 -16.78 7.51
CA TYR C 37 -26.09 -17.98 7.01
C TYR C 37 -25.19 -19.18 7.20
N PHE C 38 -23.94 -19.04 6.78
CA PHE C 38 -23.00 -20.12 6.97
C PHE C 38 -22.88 -20.43 8.46
N GLY C 39 -22.75 -19.42 9.31
CA GLY C 39 -22.60 -19.65 10.75
C GLY C 39 -23.76 -20.47 11.32
N ARG C 40 -24.97 -20.08 10.99
CA ARG C 40 -26.18 -20.79 11.48
C ARG C 40 -26.20 -22.24 11.03
N GLU C 41 -25.88 -22.45 9.75
CA GLU C 41 -25.87 -23.82 9.20
C GLU C 41 -24.74 -24.59 9.77
N LEU C 42 -23.59 -23.94 9.97
CA LEU C 42 -22.46 -24.68 10.59
C LEU C 42 -22.80 -25.14 12.00
N CYS C 43 -23.45 -24.27 12.74
CA CYS C 43 -23.79 -24.60 14.10
C CYS C 43 -24.85 -25.75 14.17
N LYS C 44 -25.81 -25.82 13.23
CA LYS C 44 -26.71 -26.98 13.13
C LYS C 44 -25.90 -28.26 12.93
N SER C 45 -24.83 -28.22 12.15
CA SER C 45 -24.11 -29.45 11.86
C SER C 45 -23.22 -29.87 13.00
N LEU C 46 -22.72 -28.93 13.76
CA LEU C 46 -21.90 -29.23 14.92
C LEU C 46 -22.80 -29.49 16.13
N ASN C 47 -24.08 -29.18 16.01
CA ASN C 47 -25.01 -29.29 17.13
C ASN C 47 -24.63 -28.40 18.33
N ILE C 48 -24.35 -27.13 18.06
CA ILE C 48 -24.00 -26.19 19.10
C ILE C 48 -24.88 -24.98 18.93
N GLU C 49 -25.08 -24.26 20.01
CA GLU C 49 -25.83 -23.03 19.95
C GLU C 49 -25.18 -22.02 18.96
N TYR C 50 -26.00 -21.41 18.12
CA TYR C 50 -25.55 -20.37 17.23
C TYR C 50 -25.28 -19.13 18.05
N ARG C 51 -24.09 -18.59 17.91
CA ARG C 51 -23.75 -17.33 18.52
C ARG C 51 -23.08 -16.48 17.44
N ASN C 52 -23.00 -15.19 17.74
CA ASN C 52 -22.26 -14.18 16.94
C ASN C 52 -21.63 -13.09 17.85
N ASP C 53 -20.37 -12.77 17.53
CA ASP C 53 -19.55 -11.75 18.20
C ASP C 53 -19.68 -11.75 19.74
N VAL C 54 -19.20 -12.83 20.37
CA VAL C 54 -19.40 -13.03 21.83
C VAL C 54 -18.32 -12.25 22.51
N PRO C 55 -18.66 -11.39 23.48
CA PRO C 55 -17.56 -10.73 24.17
C PRO C 55 -16.71 -11.75 24.89
N PHE C 56 -15.39 -11.63 24.76
CA PHE C 56 -14.52 -12.61 25.39
C PHE C 56 -14.77 -12.76 26.86
N ILE C 57 -15.07 -11.65 27.51
CA ILE C 57 -15.33 -11.63 28.91
C ILE C 57 -16.52 -12.55 29.27
N ASP C 58 -17.57 -12.57 28.45
CA ASP C 58 -18.70 -13.50 28.66
C ASP C 58 -18.27 -14.95 28.52
N ILE C 59 -17.35 -15.23 27.62
CA ILE C 59 -16.80 -16.58 27.48
C ILE C 59 -16.09 -17.03 28.76
N ILE C 60 -15.28 -16.13 29.35
CA ILE C 60 -14.56 -16.48 30.58
C ILE C 60 -15.56 -16.71 31.69
N LEU C 61 -16.58 -15.88 31.75
CA LEU C 61 -17.53 -16.00 32.83
C LEU C 61 -18.35 -17.28 32.72
N ASP C 62 -18.54 -17.79 31.52
CA ASP C 62 -19.26 -19.06 31.31
C ASP C 62 -18.37 -20.25 31.71
N ILE C 63 -17.11 -20.25 31.32
CA ILE C 63 -16.24 -21.38 31.59
C ILE C 63 -15.59 -21.40 33.01
N ARG C 64 -15.31 -20.22 33.58
CA ARG C 64 -14.87 -20.12 34.98
CA ARG C 64 -14.86 -20.10 34.98
C ARG C 64 -15.75 -19.09 35.69
N PRO C 65 -16.93 -19.53 36.15
CA PRO C 65 -17.93 -18.61 36.78
C PRO C 65 -17.52 -18.01 38.13
N GLU C 66 -16.42 -18.52 38.71
CA GLU C 66 -15.78 -17.90 39.89
C GLU C 66 -15.19 -16.50 39.55
N VAL C 67 -14.91 -16.22 38.29
CA VAL C 67 -14.16 -15.03 37.90
C VAL C 67 -14.99 -13.79 38.22
N ASP C 68 -14.33 -12.74 38.69
CA ASP C 68 -14.94 -11.45 38.91
C ASP C 68 -14.88 -10.57 37.64
N PRO C 69 -16.03 -10.26 37.02
CA PRO C 69 -16.02 -9.53 35.76
C PRO C 69 -15.52 -8.11 35.83
N LEU C 70 -15.45 -7.55 37.04
CA LEU C 70 -15.03 -6.15 37.24
C LEU C 70 -13.51 -5.98 37.11
N THR C 71 -12.75 -7.07 37.37
CA THR C 71 -11.25 -7.06 37.41
C THR C 71 -10.51 -7.90 36.35
N ILE C 72 -11.02 -9.08 36.02
CA ILE C 72 -10.34 -9.97 35.10
C ILE C 72 -9.78 -9.26 33.86
N ASP C 73 -8.52 -9.55 33.49
CA ASP C 73 -7.91 -8.96 32.31
C ASP C 73 -8.22 -9.73 31.03
N ALA C 74 -9.36 -9.44 30.43
CA ALA C 74 -9.83 -10.20 29.31
C ALA C 74 -9.44 -9.41 28.09
N PRO C 75 -9.00 -10.10 27.04
CA PRO C 75 -8.76 -9.47 25.78
C PRO C 75 -10.07 -8.95 25.20
N HIS C 76 -9.93 -7.89 24.41
N HIS C 76 -10.05 -7.87 24.44
CA HIS C 76 -11.02 -7.20 23.75
CA HIS C 76 -11.31 -7.28 23.99
C HIS C 76 -11.19 -7.82 22.40
C HIS C 76 -11.59 -7.70 22.55
N ILE C 77 -11.78 -9.01 22.37
CA ILE C 77 -12.14 -9.63 21.10
C ILE C 77 -13.58 -10.21 21.19
N THR C 78 -14.23 -10.32 20.02
CA THR C 78 -15.59 -10.84 19.96
C THR C 78 -15.66 -11.93 18.88
N PRO C 79 -15.21 -13.14 19.24
CA PRO C 79 -15.23 -14.22 18.27
C PRO C 79 -16.65 -14.66 17.98
N ASP C 80 -16.86 -15.25 16.83
CA ASP C 80 -18.20 -15.70 16.48
C ASP C 80 -18.75 -16.68 17.49
N ASN C 81 -17.93 -17.59 18.04
CA ASN C 81 -18.48 -18.62 18.89
C ASN C 81 -17.33 -19.28 19.63
N TYR C 82 -17.66 -20.29 20.43
CA TYR C 82 -16.70 -20.99 21.24
C TYR C 82 -17.26 -22.33 21.73
N LEU C 83 -16.37 -23.23 22.11
CA LEU C 83 -16.75 -24.48 22.75
C LEU C 83 -15.70 -24.80 23.79
N TYR C 84 -16.13 -25.17 24.97
CA TYR C 84 -15.26 -25.54 26.07
C TYR C 84 -15.53 -27.02 26.34
N ILE C 85 -14.55 -27.88 26.04
CA ILE C 85 -14.70 -29.34 26.17
C ILE C 85 -13.45 -29.90 26.76
N ASN C 86 -13.58 -30.81 27.73
CA ASN C 86 -12.42 -31.46 28.34
C ASN C 86 -11.34 -30.48 28.77
N ASN C 87 -11.77 -29.38 29.39
CA ASN C 87 -10.86 -28.28 29.79
C ASN C 87 -10.03 -27.74 28.65
N VAL C 88 -10.51 -27.79 27.40
CA VAL C 88 -9.88 -27.00 26.34
C VAL C 88 -10.89 -25.99 25.86
N LEU C 89 -10.45 -24.72 25.80
CA LEU C 89 -11.29 -23.64 25.20
C LEU C 89 -10.97 -23.50 23.72
N TYR C 90 -11.96 -23.81 22.87
CA TYR C 90 -11.90 -23.61 21.42
C TYR C 90 -12.60 -22.30 21.12
N ILE C 91 -11.87 -21.38 20.49
CA ILE C 91 -12.43 -20.09 20.12
C ILE C 91 -12.67 -20.16 18.65
N ILE C 92 -13.91 -19.93 18.22
CA ILE C 92 -14.31 -20.20 16.85
C ILE C 92 -14.63 -18.93 16.12
N ASP C 93 -14.11 -18.77 14.91
CA ASP C 93 -14.64 -17.78 13.98
C ASP C 93 -15.06 -18.38 12.62
N TYR C 94 -16.18 -17.91 12.13
CA TYR C 94 -16.66 -18.33 10.82
C TYR C 94 -16.06 -17.43 9.77
N LYS C 95 -15.78 -18.01 8.61
CA LYS C 95 -15.35 -17.26 7.43
C LYS C 95 -15.96 -17.89 6.19
N VAL C 96 -16.33 -17.05 5.23
CA VAL C 96 -16.67 -17.48 3.89
C VAL C 96 -15.72 -16.74 2.96
N SER C 97 -14.79 -17.46 2.31
CA SER C 97 -13.85 -16.82 1.42
C SER C 97 -13.17 -17.86 0.54
N VAL C 98 -12.79 -17.43 -0.66
CA VAL C 98 -11.97 -18.23 -1.58
C VAL C 98 -10.49 -18.25 -1.18
N SER C 99 -10.14 -17.41 -0.20
CA SER C 99 -8.74 -17.22 0.22
CA SER C 99 -8.75 -17.17 0.22
C SER C 99 -8.59 -17.39 1.72
N ASN C 100 -7.39 -17.72 2.18
CA ASN C 100 -7.14 -17.81 3.63
C ASN C 100 -6.72 -16.49 4.27
N GLU C 101 -6.68 -15.39 3.51
CA GLU C 101 -6.15 -14.12 4.03
C GLU C 101 -6.84 -13.64 5.27
N SER C 102 -8.18 -13.53 5.23
CA SER C 102 -8.92 -13.02 6.37
C SER C 102 -8.77 -13.96 7.56
N SER C 103 -8.50 -15.25 7.28
CA SER C 103 -8.40 -16.24 8.33
C SER C 103 -7.12 -16.10 9.13
N VAL C 104 -6.04 -15.83 8.39
CA VAL C 104 -4.72 -15.66 8.98
C VAL C 104 -4.73 -14.43 9.89
N ILE C 105 -5.40 -13.38 9.44
CA ILE C 105 -5.45 -12.12 10.20
C ILE C 105 -6.20 -12.31 11.51
N THR C 106 -7.37 -12.94 11.41
CA THR C 106 -8.17 -13.21 12.60
C THR C 106 -7.42 -14.19 13.52
N TYR C 107 -6.81 -15.20 12.93
CA TYR C 107 -6.08 -16.18 13.71
C TYR C 107 -4.93 -15.52 14.50
N ASP C 108 -4.11 -14.76 13.80
CA ASP C 108 -2.92 -14.13 14.44
C ASP C 108 -3.34 -13.22 15.57
N LYS C 109 -4.39 -12.46 15.34
CA LYS C 109 -4.91 -11.55 16.36
C LYS C 109 -5.45 -12.31 17.58
N TYR C 110 -6.33 -13.27 17.32
CA TYR C 110 -6.97 -14.02 18.41
C TYR C 110 -5.91 -14.82 19.14
N TYR C 111 -5.01 -15.46 18.40
CA TYR C 111 -3.97 -16.25 19.08
C TYR C 111 -3.10 -15.34 20.02
N GLU C 112 -2.61 -14.25 19.47
CA GLU C 112 -1.74 -13.34 20.22
C GLU C 112 -2.49 -12.78 21.46
N LEU C 113 -3.73 -12.35 21.29
CA LEU C 113 -4.43 -11.70 22.39
C LEU C 113 -4.97 -12.64 23.43
N THR C 114 -4.88 -13.95 23.19
CA THR C 114 -5.38 -14.90 24.16
C THR C 114 -4.26 -15.59 24.93
N ARG C 115 -3.00 -15.32 24.62
CA ARG C 115 -1.91 -16.04 25.35
C ARG C 115 -1.92 -15.74 26.84
N ASP C 116 -2.05 -14.47 27.21
CA ASP C 116 -1.91 -14.13 28.63
C ASP C 116 -3.01 -14.73 29.43
N ILE C 117 -4.23 -14.61 28.94
CA ILE C 117 -5.39 -15.16 29.66
C ILE C 117 -5.34 -16.68 29.69
N SER C 118 -4.83 -17.31 28.63
CA SER C 118 -4.64 -18.78 28.70
C SER C 118 -3.75 -19.17 29.90
N ASP C 119 -2.61 -18.48 30.01
CA ASP C 119 -1.65 -18.71 31.12
C ASP C 119 -2.28 -18.38 32.48
N ARG C 120 -3.04 -17.29 32.59
CA ARG C 120 -3.70 -16.99 33.88
C ARG C 120 -4.70 -17.99 34.32
N LEU C 121 -5.53 -18.45 33.40
CA LEU C 121 -6.57 -19.43 33.76
C LEU C 121 -6.00 -20.84 33.81
N SER C 122 -4.78 -21.05 33.33
CA SER C 122 -4.28 -22.43 33.11
C SER C 122 -5.24 -23.28 32.24
N ILE C 123 -5.73 -22.68 31.14
CA ILE C 123 -6.59 -23.39 30.18
C ILE C 123 -5.99 -23.16 28.80
N PRO C 124 -5.74 -24.26 28.07
CA PRO C 124 -5.32 -24.10 26.68
C PRO C 124 -6.47 -23.47 25.90
N ILE C 125 -6.11 -22.50 25.08
CA ILE C 125 -7.05 -21.81 24.23
C ILE C 125 -6.62 -22.06 22.81
N GLU C 126 -7.46 -22.81 22.09
CA GLU C 126 -7.25 -23.17 20.70
C GLU C 126 -8.04 -22.26 19.81
N ILE C 127 -7.41 -21.69 18.79
CA ILE C 127 -8.11 -20.80 17.93
C ILE C 127 -8.53 -21.60 16.71
N VAL C 128 -9.82 -21.59 16.39
CA VAL C 128 -10.33 -22.42 15.28
C VAL C 128 -11.05 -21.57 14.25
N ILE C 129 -10.44 -21.42 13.08
CA ILE C 129 -11.03 -20.62 12.02
C ILE C 129 -11.68 -21.67 11.16
N ILE C 130 -13.01 -21.61 11.05
CA ILE C 130 -13.78 -22.51 10.19
C ILE C 130 -14.25 -21.75 8.93
N ARG C 131 -13.64 -22.10 7.81
CA ARG C 131 -13.84 -21.40 6.57
CA ARG C 131 -13.86 -21.39 6.57
C ARG C 131 -14.50 -22.30 5.56
N ILE C 132 -15.47 -21.74 4.84
CA ILE C 132 -16.03 -22.45 3.73
C ILE C 132 -15.63 -21.68 2.50
N ASP C 133 -15.18 -22.40 1.49
CA ASP C 133 -14.92 -21.79 0.22
C ASP C 133 -16.25 -21.71 -0.50
N PRO C 134 -16.71 -20.49 -0.83
CA PRO C 134 -18.06 -20.41 -1.41
C PRO C 134 -18.21 -20.97 -2.84
N VAL C 135 -17.10 -21.25 -3.53
CA VAL C 135 -17.16 -21.78 -4.88
C VAL C 135 -17.12 -23.30 -4.83
N SER C 136 -16.14 -23.90 -4.17
CA SER C 136 -16.08 -25.36 -4.03
C SER C 136 -17.00 -25.90 -2.99
N ARG C 137 -17.38 -25.05 -2.03
CA ARG C 137 -18.16 -25.46 -0.89
C ARG C 137 -17.39 -26.38 0.05
N ASP C 138 -16.09 -26.45 -0.08
CA ASP C 138 -15.31 -27.23 0.89
C ASP C 138 -15.07 -26.44 2.19
N LEU C 139 -15.03 -27.20 3.27
CA LEU C 139 -14.74 -26.70 4.60
C LEU C 139 -13.25 -26.82 4.86
N HIS C 140 -12.65 -25.75 5.34
CA HIS C 140 -11.25 -25.77 5.76
C HIS C 140 -11.11 -25.31 7.21
N ILE C 141 -10.54 -26.16 8.05
CA ILE C 141 -10.46 -25.93 9.46
C ILE C 141 -9.01 -26.13 9.87
N ASN C 142 -8.37 -25.07 10.39
CA ASN C 142 -6.96 -25.14 10.73
C ASN C 142 -6.68 -26.13 11.85
N SER C 143 -7.58 -26.23 12.83
CA SER C 143 -7.25 -26.96 14.05
C SER C 143 -7.39 -28.48 13.96
N ASP C 144 -6.27 -29.19 13.97
CA ASP C 144 -6.26 -30.64 14.02
C ASP C 144 -7.02 -31.12 15.27
N ARG C 145 -6.77 -30.46 16.39
CA ARG C 145 -7.42 -30.84 17.65
C ARG C 145 -8.93 -30.75 17.53
N PHE C 146 -9.44 -29.71 16.88
CA PHE C 146 -10.90 -29.55 16.72
C PHE C 146 -11.42 -30.60 15.78
N LYS C 147 -10.70 -30.86 14.70
CA LYS C 147 -11.09 -31.92 13.78
C LYS C 147 -11.09 -33.36 14.38
N GLU C 148 -10.30 -33.65 15.42
CA GLU C 148 -10.41 -34.94 16.12
C GLU C 148 -11.72 -35.09 16.87
N LEU C 149 -12.20 -34.00 17.45
CA LEU C 149 -13.52 -33.91 18.07
C LEU C 149 -14.70 -34.02 17.08
N TYR C 150 -14.56 -33.37 15.93
CA TYR C 150 -15.59 -33.37 14.90
C TYR C 150 -14.97 -33.84 13.57
N PRO C 151 -14.72 -35.15 13.44
CA PRO C 151 -13.93 -35.65 12.30
C PRO C 151 -14.65 -35.61 10.96
N THR C 152 -15.98 -35.55 10.97
CA THR C 152 -16.69 -35.44 9.72
C THR C 152 -17.85 -34.45 9.77
N ILE C 153 -17.55 -33.19 9.55
CA ILE C 153 -18.56 -32.17 9.56
C ILE C 153 -19.06 -32.02 8.15
N VAL C 154 -20.37 -32.03 7.99
CA VAL C 154 -20.99 -31.81 6.70
C VAL C 154 -21.94 -30.64 6.88
N VAL C 155 -21.69 -29.61 6.08
CA VAL C 155 -22.57 -28.48 5.98
C VAL C 155 -23.00 -28.48 4.51
N ASP C 156 -24.21 -28.92 4.27
CA ASP C 156 -24.67 -29.15 2.92
C ASP C 156 -25.43 -27.89 2.52
N ILE C 157 -24.73 -26.88 2.00
CA ILE C 157 -25.40 -25.64 1.61
C ILE C 157 -24.82 -25.02 0.38
N ASN C 158 -25.54 -24.08 -0.18
CA ASN C 158 -24.89 -23.24 -1.20
C ASN C 158 -25.28 -21.77 -1.14
N PHE C 159 -24.50 -21.00 -1.89
CA PHE C 159 -24.54 -19.58 -1.88
C PHE C 159 -25.11 -19.00 -3.17
N ASN C 160 -25.90 -19.79 -3.91
CA ASN C 160 -26.35 -19.36 -5.23
C ASN C 160 -27.22 -18.13 -5.15
N GLN C 161 -28.05 -18.00 -4.12
CA GLN C 161 -28.90 -16.81 -4.04
C GLN C 161 -28.08 -15.52 -3.82
N PHE C 162 -27.07 -15.61 -2.97
CA PHE C 162 -26.15 -14.48 -2.76
C PHE C 162 -25.45 -14.14 -4.05
N PHE C 163 -25.01 -15.15 -4.78
CA PHE C 163 -24.42 -14.92 -6.08
C PHE C 163 -25.36 -14.20 -7.04
N ASP C 164 -26.60 -14.66 -7.10
CA ASP C 164 -27.60 -14.06 -7.98
C ASP C 164 -27.93 -12.61 -7.59
N LEU C 165 -28.09 -12.33 -6.28
CA LEU C 165 -28.35 -10.97 -5.85
C LEU C 165 -27.19 -10.08 -6.17
N LYS C 166 -25.97 -10.58 -6.03
CA LYS C 166 -24.80 -9.78 -6.33
C LYS C 166 -24.74 -9.49 -7.82
N GLN C 167 -25.02 -10.49 -8.66
CA GLN C 167 -25.03 -10.24 -10.10
C GLN C 167 -26.11 -9.23 -10.50
N LEU C 168 -27.27 -9.26 -9.84
CA LEU C 168 -28.30 -8.27 -10.07
C LEU C 168 -27.81 -6.84 -9.72
N LEU C 169 -27.07 -6.73 -8.60
CA LEU C 169 -26.52 -5.45 -8.18
C LEU C 169 -25.54 -4.92 -9.23
N TYR C 170 -24.61 -5.76 -9.67
CA TYR C 170 -23.64 -5.38 -10.71
C TYR C 170 -24.30 -5.19 -12.10
N GLU C 171 -25.39 -5.89 -12.38
CA GLU C 171 -26.16 -5.63 -13.61
C GLU C 171 -26.62 -4.16 -13.63
N LYS C 172 -27.09 -3.69 -12.48
CA LYS C 172 -27.63 -2.34 -12.38
C LYS C 172 -26.59 -1.22 -12.20
N PHE C 173 -25.48 -1.48 -11.51
CA PHE C 173 -24.49 -0.46 -11.17
C PHE C 173 -23.11 -0.72 -11.79
N GLY C 174 -23.03 -1.67 -12.70
CA GLY C 174 -21.77 -2.03 -13.36
C GLY C 174 -21.09 -0.98 -14.22
N ASP C 175 -21.80 0.09 -14.59
CA ASP C 175 -21.18 1.22 -15.27
C ASP C 175 -21.14 2.49 -14.48
N ASP C 176 -21.32 2.40 -13.16
CA ASP C 176 -21.16 3.52 -12.28
C ASP C 176 -19.74 3.47 -11.67
N GLU C 177 -18.85 4.40 -12.08
CA GLU C 177 -17.44 4.33 -11.60
CA GLU C 177 -17.45 4.43 -11.63
C GLU C 177 -17.37 4.46 -10.10
N GLU C 178 -18.24 5.28 -9.51
CA GLU C 178 -18.26 5.45 -8.05
C GLU C 178 -18.52 4.13 -7.33
N PHE C 179 -19.49 3.36 -7.82
CA PHE C 179 -19.83 2.07 -7.21
C PHE C 179 -18.64 1.14 -7.30
N LEU C 180 -18.08 1.04 -8.52
CA LEU C 180 -17.03 0.04 -8.83
C LEU C 180 -15.77 0.19 -8.00
N LEU C 181 -15.47 1.41 -7.57
CA LEU C 181 -14.34 1.66 -6.69
C LEU C 181 -14.75 2.14 -5.29
N LYS C 182 -16.01 1.96 -4.92
CA LYS C 182 -16.44 2.37 -3.56
C LYS C 182 -15.99 1.38 -2.48
N VAL C 183 -15.49 1.95 -1.38
CA VAL C 183 -15.07 1.19 -0.19
C VAL C 183 -16.27 0.97 0.75
N ALA C 184 -16.40 -0.26 1.27
N GLY D 1 -28.67 35.66 -4.56
CA GLY D 1 -27.38 35.01 -4.18
C GLY D 1 -26.85 33.98 -5.17
N MET D 2 -27.03 32.69 -4.85
CA MET D 2 -26.54 31.60 -5.71
C MET D 2 -27.43 31.46 -6.96
N ASP D 3 -26.82 31.04 -8.07
CA ASP D 3 -27.51 30.62 -9.31
C ASP D 3 -28.85 29.91 -8.99
N TYR D 4 -29.94 30.28 -9.65
CA TYR D 4 -31.25 29.68 -9.38
C TYR D 4 -31.37 28.22 -9.85
N GLN D 5 -30.70 27.90 -10.95
CA GLN D 5 -30.72 26.53 -11.49
C GLN D 5 -30.01 25.57 -10.50
N GLU D 6 -28.86 26.02 -9.99
CA GLU D 6 -28.12 25.32 -8.92
C GLU D 6 -29.02 25.05 -7.69
N TYR D 7 -29.76 26.07 -7.23
CA TYR D 7 -30.72 25.95 -6.11
C TYR D 7 -31.74 24.86 -6.36
N GLN D 8 -32.31 24.87 -7.57
CA GLN D 8 -33.35 23.92 -7.94
C GLN D 8 -32.83 22.51 -7.92
N GLN D 9 -31.65 22.32 -8.49
CA GLN D 9 -31.01 21.00 -8.47
C GLN D 9 -30.87 20.53 -7.02
N PHE D 10 -30.43 21.39 -6.12
CA PHE D 10 -30.29 20.99 -4.73
C PHE D 10 -31.62 20.58 -4.11
N LEU D 11 -32.69 21.32 -4.44
CA LEU D 11 -34.00 21.03 -3.87
C LEU D 11 -34.49 19.69 -4.35
N ALA D 12 -34.34 19.44 -5.64
CA ALA D 12 -34.69 18.15 -6.19
C ALA D 12 -33.93 17.03 -5.47
N ARG D 13 -32.60 17.15 -5.42
CA ARG D 13 -31.79 16.14 -4.73
C ARG D 13 -32.30 15.86 -3.31
N ILE D 14 -32.61 16.90 -2.55
CA ILE D 14 -33.08 16.74 -1.18
C ILE D 14 -34.44 16.00 -1.15
N ASN D 15 -35.29 16.26 -2.13
CA ASN D 15 -36.65 15.68 -2.18
C ASN D 15 -36.66 14.20 -2.51
N THR D 16 -35.86 13.82 -3.51
CA THR D 16 -35.75 12.45 -3.95
C THR D 16 -34.82 11.59 -3.05
N ALA D 17 -34.08 12.20 -2.12
CA ALA D 17 -33.14 11.45 -1.27
C ALA D 17 -33.87 10.67 -0.18
N ARG D 18 -33.43 9.44 0.06
CA ARG D 18 -34.04 8.60 1.09
C ARG D 18 -33.04 7.89 1.97
N ASP D 19 -31.75 8.17 1.77
CA ASP D 19 -30.70 7.42 2.41
C ASP D 19 -29.67 8.37 3.00
N ALA D 20 -29.14 8.01 4.18
CA ALA D 20 -28.22 8.85 4.93
C ALA D 20 -27.00 9.21 4.11
N CYS D 21 -26.45 8.24 3.38
CA CYS D 21 -25.23 8.43 2.61
C CYS D 21 -25.45 9.42 1.47
N VAL D 22 -26.62 9.39 0.86
CA VAL D 22 -27.00 10.31 -0.22
C VAL D 22 -27.20 11.70 0.36
N ALA D 23 -27.87 11.77 1.50
CA ALA D 23 -28.03 13.02 2.19
C ALA D 23 -26.70 13.65 2.62
N LYS D 24 -25.73 12.85 3.03
CA LYS D 24 -24.50 13.44 3.46
C LYS D 24 -23.75 13.97 2.26
N ASP D 25 -23.85 13.31 1.12
CA ASP D 25 -23.22 13.86 -0.08
C ASP D 25 -23.80 15.23 -0.46
N ILE D 26 -25.11 15.43 -0.25
CA ILE D 26 -25.74 16.70 -0.52
C ILE D 26 -25.15 17.75 0.44
N ASP D 27 -24.99 17.37 1.70
CA ASP D 27 -24.49 18.27 2.71
C ASP D 27 -23.06 18.77 2.29
N VAL D 28 -22.22 17.84 1.85
CA VAL D 28 -20.88 18.15 1.35
C VAL D 28 -20.93 19.04 0.09
N ASP D 29 -21.70 18.64 -0.91
CA ASP D 29 -21.82 19.44 -2.13
C ASP D 29 -22.33 20.87 -1.83
N LEU D 30 -23.23 21.01 -0.86
CA LEU D 30 -23.69 22.35 -0.47
C LEU D 30 -22.54 23.20 0.06
N LEU D 31 -21.65 22.58 0.83
CA LEU D 31 -20.54 23.31 1.41
C LEU D 31 -19.53 23.72 0.31
N MET D 32 -19.27 22.85 -0.66
CA MET D 32 -18.35 23.20 -1.74
CA MET D 32 -18.37 23.16 -1.76
C MET D 32 -18.98 24.25 -2.66
N ALA D 33 -20.28 24.16 -2.89
CA ALA D 33 -20.96 25.15 -3.72
C ALA D 33 -20.94 26.50 -3.03
N ARG D 34 -20.99 26.51 -1.71
CA ARG D 34 -20.96 27.77 -1.01
C ARG D 34 -19.55 28.41 -1.13
N HIS D 35 -18.52 27.56 -0.97
CA HIS D 35 -17.12 27.95 -1.09
C HIS D 35 -16.85 28.56 -2.49
N ASP D 36 -17.36 27.88 -3.53
CA ASP D 36 -17.15 28.32 -4.90
C ASP D 36 -17.94 29.60 -5.22
N TYR D 37 -19.14 29.71 -4.69
CA TYR D 37 -19.93 30.95 -4.80
C TYR D 37 -19.16 32.12 -4.20
N PHE D 38 -18.67 31.94 -2.98
CA PHE D 38 -17.84 32.95 -2.35
C PHE D 38 -16.64 33.32 -3.23
N GLY D 39 -15.98 32.31 -3.79
CA GLY D 39 -14.84 32.52 -4.64
C GLY D 39 -15.12 33.38 -5.87
N ARG D 40 -16.21 33.10 -6.57
CA ARG D 40 -16.59 33.88 -7.74
C ARG D 40 -16.86 35.32 -7.32
N GLU D 41 -17.67 35.52 -6.29
CA GLU D 41 -17.96 36.87 -5.89
C GLU D 41 -16.68 37.59 -5.43
N LEU D 42 -15.82 36.90 -4.69
CA LEU D 42 -14.62 37.51 -4.19
C LEU D 42 -13.76 38.01 -5.35
N CYS D 43 -13.63 37.18 -6.39
CA CYS D 43 -12.75 37.49 -7.49
C CYS D 43 -13.33 38.67 -8.32
N LYS D 44 -14.65 38.83 -8.33
CA LYS D 44 -15.29 39.99 -8.93
C LYS D 44 -14.87 41.26 -8.17
N SER D 45 -15.06 41.26 -6.86
CA SER D 45 -14.62 42.38 -6.04
C SER D 45 -13.17 42.73 -6.20
N LEU D 46 -12.29 41.74 -6.23
CA LEU D 46 -10.86 42.00 -6.33
C LEU D 46 -10.37 42.29 -7.76
N ASN D 47 -11.30 42.22 -8.71
CA ASN D 47 -11.04 42.26 -10.14
CA ASN D 47 -10.96 42.28 -10.15
C ASN D 47 -9.89 41.32 -10.56
N ILE D 48 -10.01 40.05 -10.16
CA ILE D 48 -9.02 39.06 -10.62
C ILE D 48 -9.70 37.93 -11.37
N GLU D 49 -8.96 37.26 -12.23
CA GLU D 49 -9.53 36.13 -12.94
C GLU D 49 -9.98 35.03 -11.93
N TYR D 50 -11.23 34.60 -12.04
CA TYR D 50 -11.73 33.50 -11.21
C TYR D 50 -11.02 32.21 -11.63
N ARG D 51 -10.43 31.55 -10.65
CA ARG D 51 -9.88 30.23 -10.82
C ARG D 51 -10.27 29.40 -9.59
N ASN D 52 -10.10 28.09 -9.72
CA ASN D 52 -10.32 27.14 -8.61
C ASN D 52 -9.28 26.02 -8.72
N ASP D 53 -8.56 25.74 -7.65
CA ASP D 53 -7.62 24.63 -7.64
C ASP D 53 -6.71 24.66 -8.88
N VAL D 54 -5.61 25.41 -8.77
CA VAL D 54 -4.65 25.56 -9.84
C VAL D 54 -3.40 24.82 -9.44
N PRO D 55 -2.93 23.90 -10.26
CA PRO D 55 -1.72 23.22 -9.82
C PRO D 55 -0.53 24.18 -9.78
N PHE D 56 0.31 24.02 -8.76
CA PHE D 56 1.35 24.98 -8.55
C PHE D 56 2.24 25.10 -9.78
N ILE D 57 2.44 23.99 -10.47
CA ILE D 57 3.29 23.96 -11.58
C ILE D 57 2.75 24.87 -12.70
N ASP D 58 1.43 24.95 -12.84
CA ASP D 58 0.86 25.80 -13.85
C ASP D 58 1.03 27.24 -13.44
N ILE D 59 1.06 27.52 -12.13
CA ILE D 59 1.27 28.89 -11.66
C ILE D 59 2.67 29.35 -12.06
N ILE D 60 3.65 28.47 -11.83
CA ILE D 60 5.01 28.75 -12.14
C ILE D 60 5.19 29.01 -13.63
N LEU D 61 4.61 28.15 -14.48
CA LEU D 61 4.73 28.33 -15.93
C LEU D 61 4.08 29.57 -16.46
N ASP D 62 3.01 30.02 -15.82
CA ASP D 62 2.40 31.30 -16.14
C ASP D 62 3.35 32.44 -15.77
N ILE D 63 3.96 32.42 -14.60
CA ILE D 63 4.69 33.61 -14.19
C ILE D 63 6.10 33.64 -14.70
N ARG D 64 6.65 32.47 -14.98
CA ARG D 64 8.02 32.31 -15.41
C ARG D 64 8.04 31.28 -16.56
N PRO D 65 7.65 31.69 -17.75
CA PRO D 65 7.48 30.69 -18.82
C PRO D 65 8.74 30.08 -19.41
N GLU D 66 9.91 30.51 -18.97
CA GLU D 66 11.16 29.94 -19.45
C GLU D 66 11.55 28.69 -18.68
N VAL D 67 10.92 28.46 -17.55
CA VAL D 67 11.16 27.25 -16.75
C VAL D 67 10.79 25.93 -17.50
N ASP D 68 11.55 24.87 -17.26
CA ASP D 68 11.22 23.57 -17.85
C ASP D 68 10.31 22.80 -16.87
N PRO D 69 9.01 22.64 -17.21
CA PRO D 69 8.12 21.97 -16.33
C PRO D 69 8.51 20.50 -16.01
N LEU D 70 9.39 19.89 -16.78
CA LEU D 70 9.76 18.50 -16.56
C LEU D 70 10.84 18.34 -15.49
N THR D 71 11.58 19.44 -15.24
CA THR D 71 12.74 19.41 -14.33
C THR D 71 12.57 20.27 -13.08
N ILE D 72 11.78 21.32 -13.12
CA ILE D 72 11.69 22.18 -11.97
C ILE D 72 11.23 21.46 -10.70
N ASP D 73 11.95 21.71 -9.60
CA ASP D 73 11.58 21.17 -8.28
C ASP D 73 10.58 22.07 -7.64
N ALA D 74 9.32 21.65 -7.62
CA ALA D 74 8.21 22.50 -7.26
C ALA D 74 7.24 21.73 -6.40
N PRO D 75 6.58 22.43 -5.49
CA PRO D 75 5.64 21.72 -4.62
C PRO D 75 4.44 21.28 -5.43
N HIS D 76 3.81 20.19 -4.98
CA HIS D 76 2.55 19.72 -5.51
C HIS D 76 1.45 20.19 -4.55
N ILE D 77 0.92 21.39 -4.82
CA ILE D 77 -0.20 21.93 -4.09
C ILE D 77 -1.11 22.57 -5.13
N THR D 78 -2.37 22.73 -4.74
CA THR D 78 -3.43 23.21 -5.64
CA THR D 78 -3.42 23.19 -5.63
C THR D 78 -4.26 24.29 -4.95
N PRO D 79 -3.65 25.47 -4.75
CA PRO D 79 -4.42 26.55 -4.13
C PRO D 79 -5.55 26.98 -5.02
N ASP D 80 -6.47 27.70 -4.44
CA ASP D 80 -7.62 28.19 -5.21
C ASP D 80 -7.27 29.17 -6.31
N ASN D 81 -6.32 30.06 -6.04
CA ASN D 81 -6.04 31.14 -6.97
C ASN D 81 -4.68 31.79 -6.65
N TYR D 82 -4.28 32.71 -7.50
CA TYR D 82 -3.03 33.43 -7.27
C TYR D 82 -3.09 34.79 -7.91
N LEU D 83 -2.15 35.64 -7.52
CA LEU D 83 -1.96 36.94 -8.11
C LEU D 83 -0.46 37.22 -8.11
N TYR D 84 0.08 37.46 -9.30
CA TYR D 84 1.45 37.84 -9.50
C TYR D 84 1.46 39.27 -9.98
N ILE D 85 1.99 40.12 -9.12
CA ILE D 85 1.97 41.55 -9.30
C ILE D 85 3.26 42.12 -8.63
N ASN D 86 4.02 42.89 -9.41
CA ASN D 86 5.29 43.51 -8.97
C ASN D 86 6.35 42.50 -8.52
N ASN D 87 6.43 41.41 -9.28
CA ASN D 87 7.28 40.29 -8.96
C ASN D 87 7.08 39.80 -7.53
N VAL D 88 5.84 39.82 -7.02
CA VAL D 88 5.44 39.16 -5.77
C VAL D 88 4.31 38.18 -6.14
N LEU D 89 4.42 36.92 -5.69
CA LEU D 89 3.42 35.90 -5.96
C LEU D 89 2.56 35.75 -4.74
N TYR D 90 1.32 36.15 -4.86
CA TYR D 90 0.35 35.90 -3.79
C TYR D 90 -0.41 34.59 -4.11
N ILE D 91 -0.32 33.63 -3.20
CA ILE D 91 -1.03 32.38 -3.32
C ILE D 91 -2.26 32.50 -2.50
N ILE D 92 -3.42 32.39 -3.13
CA ILE D 92 -4.72 32.65 -2.49
C ILE D 92 -5.55 31.37 -2.26
N ASP D 93 -6.12 31.21 -1.06
CA ASP D 93 -7.18 30.19 -0.87
C ASP D 93 -8.41 30.82 -0.26
N TYR D 94 -9.57 30.45 -0.76
CA TYR D 94 -10.82 30.95 -0.24
C TYR D 94 -11.25 29.96 0.86
N LYS D 95 -11.80 30.53 1.95
CA LYS D 95 -12.42 29.78 3.03
C LYS D 95 -13.76 30.41 3.38
N VAL D 96 -14.76 29.57 3.69
CA VAL D 96 -16.03 30.02 4.28
C VAL D 96 -16.13 29.28 5.63
N SER D 97 -16.05 29.98 6.76
CA SER D 97 -16.05 29.30 8.07
C SER D 97 -16.17 30.26 9.23
N VAL D 98 -16.74 29.75 10.32
CA VAL D 98 -16.88 30.56 11.53
C VAL D 98 -15.63 30.54 12.39
N SER D 99 -14.69 29.67 12.02
CA SER D 99 -13.50 29.46 12.81
C SER D 99 -12.29 29.67 11.89
N ASN D 100 -11.14 29.90 12.49
CA ASN D 100 -9.91 30.03 11.72
C ASN D 100 -9.18 28.70 11.56
N GLU D 101 -9.77 27.60 12.00
CA GLU D 101 -9.05 26.34 12.05
C GLU D 101 -8.61 25.88 10.67
N SER D 102 -9.52 25.85 9.70
CA SER D 102 -9.13 25.36 8.38
C SER D 102 -8.11 26.31 7.74
N SER D 103 -8.20 27.60 8.07
CA SER D 103 -7.31 28.58 7.53
C SER D 103 -5.90 28.33 8.00
N VAL D 104 -5.75 28.07 9.27
CA VAL D 104 -4.41 27.84 9.82
C VAL D 104 -3.77 26.59 9.21
N ILE D 105 -4.57 25.56 8.95
CA ILE D 105 -4.02 24.33 8.40
C ILE D 105 -3.59 24.58 6.97
N THR D 106 -4.45 25.19 6.14
CA THR D 106 -4.03 25.56 4.78
C THR D 106 -2.82 26.51 4.79
N TYR D 107 -2.82 27.54 5.65
CA TYR D 107 -1.70 28.48 5.71
C TYR D 107 -0.39 27.75 5.97
N ASP D 108 -0.34 27.01 7.09
CA ASP D 108 0.87 26.30 7.53
C ASP D 108 1.42 25.40 6.46
N LYS D 109 0.55 24.69 5.76
CA LYS D 109 0.96 23.79 4.68
C LYS D 109 1.54 24.57 3.47
N TYR D 110 0.81 25.58 3.02
CA TYR D 110 1.24 26.34 1.84
C TYR D 110 2.54 27.11 2.10
N TYR D 111 2.64 27.66 3.30
CA TYR D 111 3.79 28.46 3.70
C TYR D 111 5.00 27.56 3.68
N GLU D 112 4.90 26.44 4.39
CA GLU D 112 6.03 25.52 4.47
C GLU D 112 6.43 24.98 3.11
N LEU D 113 5.45 24.67 2.27
CA LEU D 113 5.80 23.97 1.04
C LEU D 113 6.26 24.91 -0.09
N THR D 114 6.11 26.22 0.12
CA THR D 114 6.54 27.23 -0.88
C THR D 114 7.84 27.96 -0.60
N ARG D 115 8.49 27.65 0.52
CA ARG D 115 9.73 28.34 0.88
C ARG D 115 10.86 28.03 -0.09
N ASP D 116 11.00 26.76 -0.43
CA ASP D 116 12.10 26.37 -1.29
C ASP D 116 11.94 26.93 -2.71
N ILE D 117 10.74 26.87 -3.27
CA ILE D 117 10.52 27.34 -4.62
C ILE D 117 10.62 28.89 -4.65
N SER D 118 10.28 29.55 -3.56
CA SER D 118 10.53 31.01 -3.43
C SER D 118 12.03 31.29 -3.58
N ASP D 119 12.86 30.56 -2.84
CA ASP D 119 14.29 30.73 -2.98
C ASP D 119 14.77 30.44 -4.40
N ARG D 120 14.26 29.36 -4.99
CA ARG D 120 14.77 28.92 -6.29
C ARG D 120 14.46 29.93 -7.40
N LEU D 121 13.26 30.51 -7.38
CA LEU D 121 12.86 31.52 -8.34
C LEU D 121 13.30 32.99 -8.00
N SER D 122 13.78 33.21 -6.79
CA SER D 122 13.96 34.55 -6.16
C SER D 122 12.74 35.38 -6.38
N ILE D 123 11.59 34.84 -5.96
CA ILE D 123 10.33 35.55 -5.99
C ILE D 123 9.69 35.34 -4.63
N PRO D 124 9.33 36.43 -3.93
CA PRO D 124 8.64 36.27 -2.65
C PRO D 124 7.26 35.69 -2.89
N ILE D 125 6.90 34.74 -2.05
CA ILE D 125 5.63 34.05 -2.13
C ILE D 125 4.89 34.29 -0.81
N GLU D 126 3.77 34.99 -0.90
CA GLU D 126 2.97 35.38 0.23
C GLU D 126 1.72 34.51 0.24
N ILE D 127 1.38 33.95 1.40
CA ILE D 127 0.26 33.05 1.47
C ILE D 127 -0.92 33.81 1.95
N VAL D 128 -1.99 33.83 1.16
CA VAL D 128 -3.10 34.66 1.49
C VAL D 128 -4.36 33.83 1.65
N ILE D 129 -4.85 33.73 2.89
CA ILE D 129 -6.07 32.96 3.15
C ILE D 129 -7.16 33.96 3.32
N ILE D 130 -8.15 33.92 2.45
CA ILE D 130 -9.25 34.88 2.52
C ILE D 130 -10.51 34.19 3.01
N ARG D 131 -10.87 34.46 4.24
CA ARG D 131 -12.03 33.80 4.86
C ARG D 131 -13.21 34.73 5.07
N ILE D 132 -14.38 34.27 4.67
CA ILE D 132 -15.61 34.94 5.03
C ILE D 132 -16.33 34.11 6.09
N ASP D 133 -16.76 34.80 7.15
CA ASP D 133 -17.56 34.21 8.22
C ASP D 133 -18.97 34.21 7.71
N PRO D 134 -19.58 33.05 7.54
CA PRO D 134 -20.89 33.01 6.89
C PRO D 134 -22.06 33.51 7.76
N VAL D 135 -21.81 33.81 9.03
CA VAL D 135 -22.85 34.32 9.90
C VAL D 135 -22.76 35.83 9.91
N SER D 136 -21.61 36.35 10.29
CA SER D 136 -21.41 37.81 10.34
C SER D 136 -21.18 38.44 8.98
N ARG D 137 -20.80 37.62 7.99
CA ARG D 137 -20.45 38.10 6.66
C ARG D 137 -19.19 38.98 6.68
N ASP D 138 -18.45 38.95 7.78
CA ASP D 138 -17.19 39.65 7.84
C ASP D 138 -16.06 38.91 7.08
N LEU D 139 -15.18 39.69 6.49
CA LEU D 139 -14.10 39.17 5.70
C LEU D 139 -12.84 39.26 6.55
N HIS D 140 -12.08 38.19 6.63
CA HIS D 140 -10.84 38.16 7.37
C HIS D 140 -9.71 37.66 6.50
N ILE D 141 -8.65 38.46 6.37
CA ILE D 141 -7.52 38.16 5.52
C ILE D 141 -6.25 38.27 6.34
N ASN D 142 -5.45 37.21 6.37
CA ASN D 142 -4.24 37.20 7.23
C ASN D 142 -3.18 38.18 6.76
N SER D 143 -3.03 38.31 5.45
CA SER D 143 -1.85 38.98 4.88
C SER D 143 -1.94 40.51 4.86
N ASP D 144 -1.11 41.18 5.66
CA ASP D 144 -1.07 42.66 5.60
C ASP D 144 -0.52 43.13 4.25
N ARG D 145 0.47 42.45 3.70
CA ARG D 145 0.95 42.82 2.39
C ARG D 145 -0.21 42.78 1.37
N PHE D 146 -1.04 41.74 1.38
CA PHE D 146 -2.16 41.71 0.43
C PHE D 146 -3.15 42.84 0.69
N LYS D 147 -3.45 43.10 1.97
CA LYS D 147 -4.38 44.16 2.32
C LYS D 147 -3.84 45.61 1.99
N GLU D 148 -2.52 45.81 2.01
CA GLU D 148 -1.91 47.07 1.49
C GLU D 148 -2.25 47.26 -0.01
N LEU D 149 -2.22 46.20 -0.81
CA LEU D 149 -2.68 46.27 -2.21
C LEU D 149 -4.18 46.54 -2.37
N TYR D 150 -4.96 45.98 -1.46
CA TYR D 150 -6.40 45.96 -1.55
C TYR D 150 -6.98 46.43 -0.23
N PRO D 151 -6.88 47.75 0.03
CA PRO D 151 -7.20 48.21 1.36
C PRO D 151 -8.72 48.16 1.66
N THR D 152 -9.58 48.21 0.65
CA THR D 152 -11.02 48.13 0.90
C THR D 152 -11.70 47.13 -0.01
N ILE D 153 -12.09 46.01 0.57
CA ILE D 153 -12.67 44.92 -0.18
C ILE D 153 -14.07 44.78 0.31
N VAL D 154 -15.02 44.82 -0.60
CA VAL D 154 -16.41 44.63 -0.22
C VAL D 154 -16.94 43.52 -1.09
N VAL D 155 -17.26 42.40 -0.47
CA VAL D 155 -17.95 41.29 -1.12
C VAL D 155 -19.30 41.29 -0.44
N ASP D 156 -20.30 41.86 -1.10
CA ASP D 156 -21.55 42.12 -0.41
C ASP D 156 -22.50 41.03 -0.83
N ILE D 157 -22.42 39.93 -0.09
CA ILE D 157 -23.10 38.71 -0.47
C ILE D 157 -23.74 38.01 0.69
N ASN D 158 -24.49 36.98 0.32
CA ASN D 158 -25.45 36.35 1.21
C ASN D 158 -25.48 34.82 1.09
N PHE D 159 -25.46 34.11 2.22
CA PHE D 159 -25.50 32.64 2.20
C PHE D 159 -26.86 32.06 2.69
N ASN D 160 -27.93 32.85 2.66
CA ASN D 160 -29.21 32.41 3.20
C ASN D 160 -29.81 31.18 2.52
N GLN D 161 -29.64 31.08 1.21
CA GLN D 161 -30.12 29.93 0.48
C GLN D 161 -29.40 28.66 0.88
N PHE D 162 -28.10 28.76 1.13
CA PHE D 162 -27.33 27.61 1.61
C PHE D 162 -27.84 27.20 2.98
N PHE D 163 -28.05 28.16 3.86
CA PHE D 163 -28.63 27.86 5.17
C PHE D 163 -29.99 27.17 5.03
N ASP D 164 -30.86 27.71 4.16
CA ASP D 164 -32.22 27.14 3.99
C ASP D 164 -32.19 25.71 3.44
N LEU D 165 -31.39 25.47 2.39
CA LEU D 165 -31.23 24.13 1.86
C LEU D 165 -30.73 23.19 2.94
N LYS D 166 -29.80 23.64 3.76
CA LYS D 166 -29.27 22.77 4.80
C LYS D 166 -30.39 22.44 5.81
N GLN D 167 -31.24 23.41 6.11
CA GLN D 167 -32.33 23.17 7.09
C GLN D 167 -33.34 22.19 6.53
N LEU D 168 -33.66 22.27 5.24
CA LEU D 168 -34.53 21.28 4.61
C LEU D 168 -33.96 19.85 4.78
N LEU D 169 -32.66 19.73 4.51
CA LEU D 169 -31.94 18.48 4.61
C LEU D 169 -32.05 17.94 6.04
N TYR D 170 -31.81 18.81 7.02
CA TYR D 170 -31.84 18.37 8.43
C TYR D 170 -33.28 18.13 8.94
N GLU D 171 -34.30 18.53 8.19
CA GLU D 171 -35.66 18.25 8.60
C GLU D 171 -36.16 16.93 7.99
N LYS D 172 -35.53 16.48 6.92
CA LYS D 172 -35.83 15.18 6.37
C LYS D 172 -35.01 14.12 7.08
N PHE D 173 -33.73 14.41 7.33
CA PHE D 173 -32.83 13.42 7.94
C PHE D 173 -32.47 13.64 9.41
N GLY D 174 -33.11 14.61 10.04
CA GLY D 174 -32.84 14.95 11.46
C GLY D 174 -33.02 13.84 12.49
N ASP D 175 -33.75 12.78 12.15
CA ASP D 175 -33.89 11.68 13.10
C ASP D 175 -33.21 10.40 12.65
N ASP D 176 -32.30 10.52 11.68
CA ASP D 176 -31.52 9.42 11.18
C ASP D 176 -30.10 9.44 11.79
N GLU D 177 -29.86 8.54 12.74
CA GLU D 177 -28.59 8.53 13.44
C GLU D 177 -27.43 8.36 12.47
N GLU D 178 -27.60 7.52 11.45
CA GLU D 178 -26.53 7.29 10.48
C GLU D 178 -26.15 8.61 9.81
N PHE D 179 -27.13 9.44 9.49
CA PHE D 179 -26.87 10.73 8.89
C PHE D 179 -26.22 11.71 9.87
N LEU D 180 -26.76 11.81 11.08
CA LEU D 180 -26.27 12.78 12.05
C LEU D 180 -24.81 12.57 12.42
N LEU D 181 -24.37 11.31 12.36
CA LEU D 181 -22.99 10.93 12.70
C LEU D 181 -22.14 10.52 11.46
N LYS D 182 -22.67 10.78 10.27
CA LYS D 182 -21.95 10.51 9.03
C LYS D 182 -20.83 11.50 8.78
N VAL D 183 -19.71 10.94 8.35
CA VAL D 183 -18.50 11.67 7.96
C VAL D 183 -18.46 11.92 6.43
N ALA D 184 -18.19 13.17 6.04
MN MN E . 30.29 -3.81 3.74
MN MN F . 30.85 -0.07 3.62
O8 XI7 G . 29.97 -1.75 4.57
C9 XI7 G . 29.47 -1.91 5.80
C10 XI7 G . 29.13 -3.16 6.20
O11 XI7 G . 29.29 -4.14 5.42
O10 XI7 G . 28.67 -3.34 7.36
C8 XI7 G . 29.26 -0.86 6.63
C7 XI7 G . 29.49 0.58 6.30
C1 XI7 G . 28.96 1.63 7.26
C6 XI7 G . 27.58 1.65 7.53
C5 XI7 G . 27.02 2.62 8.39
C4 XI7 G . 27.86 3.58 8.97
C3 XI7 G . 29.24 3.55 8.70
C2 XI7 G . 29.79 2.59 7.83
O14 XI7 G . 29.98 0.99 5.25
MN MN H . 1.58 -6.11 -12.08
MN MN I . -2.21 -6.46 -12.04
O8 XI7 J . -0.17 -6.45 -11.06
C9 XI7 J . -0.32 -7.05 -9.85
C10 XI7 J . -1.58 -7.32 -9.45
O11 XI7 J . -2.54 -6.98 -10.20
O10 XI7 J . -1.82 -7.89 -8.35
C8 XI7 J . 0.74 -7.39 -9.03
C7 XI7 J . 2.20 -7.09 -9.23
C1 XI7 J . 3.21 -7.15 -8.08
C6 XI7 J . 2.90 -6.55 -6.82
C5 XI7 J . 3.81 -6.52 -5.73
C4 XI7 J . 5.07 -7.10 -5.91
C3 XI7 J . 5.41 -7.67 -7.16
C2 XI7 J . 4.51 -7.69 -8.23
O14 XI7 J . 2.59 -6.58 -10.25
MN MN K . -16.49 -14.54 11.32
MN MN L . -17.81 -12.02 13.79
O8 XI7 M . -16.67 -12.59 12.18
C9 XI7 M . -16.36 -11.76 11.13
C10 XI7 M . -15.84 -12.30 9.96
O11 XI7 M . -15.60 -13.51 9.83
O10 XI7 M . -15.57 -11.61 8.93
C8 XI7 M . -16.56 -10.42 11.17
C7 XI7 M . -17.11 -9.56 12.27
C1 XI7 M . -17.32 -8.10 12.02
C6 XI7 M . -17.83 -7.65 10.78
C5 XI7 M . -18.02 -6.28 10.56
C4 XI7 M . -17.72 -5.37 11.57
C3 XI7 M . -17.22 -5.81 12.82
C2 XI7 M . -17.03 -7.17 13.04
O14 XI7 M . -17.36 -9.94 13.40
MN MN N . -10.45 27.11 -0.55
MN MN O . -9.55 24.62 -3.33
O8 XI7 P . -10.04 25.05 -1.36
C9 XI7 P . -10.58 24.19 -0.43
C10 XI7 P . -11.04 24.67 0.77
O11 XI7 P . -10.98 25.87 1.12
O10 XI7 P . -11.55 23.89 1.60
C8 XI7 P . -10.69 22.83 -0.65
C7 XI7 P . -10.27 22.03 -1.85
C1 XI7 P . -10.57 20.54 -1.95
C6 XI7 P . -11.85 20.04 -1.64
C5 XI7 P . -12.12 18.68 -1.75
C4 XI7 P . -11.12 17.81 -2.18
C3 XI7 P . -9.84 18.29 -2.50
C2 XI7 P . -9.56 19.67 -2.39
O14 XI7 P . -9.63 22.48 -2.78
#